data_9BTU
#
_entry.id   9BTU
#
_cell.length_a   1.00
_cell.length_b   1.00
_cell.length_c   1.00
_cell.angle_alpha   90.00
_cell.angle_beta   90.00
_cell.angle_gamma   90.00
#
_symmetry.space_group_name_H-M   'P 1'
#
loop_
_entity.id
_entity.type
_entity.pdbx_description
1 polymer 'Amiloride-sensitive sodium channel subunit beta'
2 polymer '10D4 Fab'
3 polymer 'Amiloride-sensitive sodium channel subunit gamma'
4 polymer '10D4 Fab'
5 branched beta-D-mannopyranose-(1-4)-2-acetamido-2-deoxy-beta-D-glucopyranose-(1-4)-2-acetamido-2-deoxy-beta-D-glucopyranose
6 branched 2-acetamido-2-deoxy-beta-D-glucopyranose-(1-4)-2-acetamido-2-deoxy-beta-D-glucopyranose
7 non-polymer 2-acetamido-2-deoxy-beta-D-glucopyranose
#
loop_
_entity_poly.entity_id
_entity_poly.type
_entity_poly.pdbx_seq_one_letter_code
_entity_poly.pdbx_strand_id
1 'polypeptide(L)'
;MHVKKYLLKGLHRLQKGPGYTYKELLVWYCDNTNTHGPKRIICEGPKKKAMWFLLTLLFAALVCWQWGIFIRTYLSWEVS
VSLSVGFKTMDFPAVTICNASPFKYSKIKHLLKDLDELMEAVLERILAPELSHANATRNLNFSIWNHTPLVLIDERNPHH
PMVLDLFGDNHNGLTSSSASEKICNAHGCKMAMRLCSLNRTQCTFRNFTSATQALTEWYILQATNIFAQVPQQELVEMSY
PGEQMILACLFGAEPCNYRNFTSIFYPHYGNCYIFNWGMTEKALPSANPGTEFGLKLILDIGQEDYVPFLASTAGVRLML
HEQRSYPFIRDEGIYAMSGTETSIGVLVDKLQRMGEPYSPCTVNGSEVPVQNFYSDYNTTYSIQACLRSCFQDHMIRNCN
CGHYLYPLPRGEKYCNNRDFPDWAHCYSDLQMSVAQRETCIGMCKESCNDTQYKMTISMADWPSEASEDWIFHVLSQERD
QSTNITLSRKGIVKLNIYFQEFNYRTIEESAANNIVWLLSNLGGQFGFWMGGSVLCLIEFGEIIIDFVWITIIKLVALAK
SLRQRRAQASYAGPPPTVAELVEAHTNFGFQPDTAPRSPNTGPYPSEQALPIPGTPPPNYDSLRLQPLDVIESDSEGDAI
;
B
2 'polypeptide(L)'
;(UNK)(UNK)(UNK)(UNK)(UNK)(UNK)(UNK)(UNK)(UNK)(UNK)(UNK)(UNK)(UNK)(UNK)(UNK)(UNK)
(UNK)(UNK)(UNK)(UNK)(UNK)(UNK)(UNK)(UNK)(UNK)(UNK)(UNK)(UNK)(UNK)(UNK)(UNK)(UNK)
(UNK)(UNK)(UNK)(UNK)(UNK)(UNK)(UNK)(UNK)(UNK)(UNK)(UNK)(UNK)(UNK)(UNK)(UNK)(UNK)
(UNK)(UNK)(UNK)(UNK)(UNK)(UNK)(UNK)(UNK)(UNK)(UNK)(UNK)(UNK)(UNK)(UNK)(UNK)(UNK)
(UNK)(UNK)(UNK)(UNK)(UNK)(UNK)(UNK)(UNK)(UNK)(UNK)(UNK)(UNK)(UNK)(UNK)(UNK)(UNK)
(UNK)(UNK)(UNK)(UNK)(UNK)(UNK)(UNK)(UNK)(UNK)(UNK)(UNK)(UNK)(UNK)(UNK)(UNK)(UNK)
(UNK)(UNK)(UNK)(UNK)(UNK)(UNK)(UNK)(UNK)(UNK)(UNK)(UNK)(UNK)(UNK)(UNK)(UNK)(UNK)
(UNK)(UNK)(UNK)(UNK)
;
D
3 'polypeptide(L)'
;MAPGEKIKAKIKKNLPVTGPQAPTIKELMRWYCLNTNTHGCRRIVVSRGRLRRLLWIGFTLTAVALILWQCALLVFSFYT
VSVSIKVHFRKLDFPAVTICNINPYKYSTVRHLLADLEQETREALKSLYGFPESRKRREAESWNSVSEGKQPRFSHRIPL
LIFDQDEKGKARDFFTGRKRKVGGSIIHKASNVMHIESKQVVGFQLCSNDTSDCATYTFSSGINAIQEWYKLHYMNIMAQ
VPLEKKINMSYSAEELLVTCFFDGVSCDARNFTLFHHPMHGNCYTFNNRENETILSTSMGGSEYGLQVILYINEEEYNPF
LVSSTGAKVIIHRQDEYPFVEDVGTEIETAMVTSIGMHLTESFKLSEPYSQCTEDGSDVPIRNIYNAAYSLQICLHSCFQ
TKMVEKCGCAQYSQPLPPAANYCNYQQHPNWMYCYYQLHRAFVQEELGCQSVCKEACSFKEWTLTTSLAQWPSVVSEKWL
LPVLTWDQGRQVNKKLNKTDLAKLLIFYKDLNQRSIMESPANSIEMLLSNFGGQLGLWMSCSVVCVIEIIEVFFIDFFSI
IARRQWQKAKEWWAWKQAPPCPEAPRSPQGQDNPALDIDDDLPTFNSALHLPPALGTQVPGTPPPKYNTLRLERAFSNQL
TDTQMLDEL
;
C
4 'polypeptide(L)'
;(UNK)(UNK)(UNK)(UNK)(UNK)(UNK)(UNK)(UNK)(UNK)(UNK)(UNK)(UNK)(UNK)(UNK)(UNK)(UNK)
(UNK)(UNK)(UNK)(UNK)(UNK)(UNK)(UNK)(UNK)(UNK)(UNK)(UNK)(UNK)(UNK)(UNK)(UNK)(UNK)
(UNK)(UNK)(UNK)(UNK)(UNK)(UNK)(UNK)(UNK)(UNK)(UNK)(UNK)(UNK)(UNK)(UNK)(UNK)(UNK)
(UNK)(UNK)(UNK)(UNK)(UNK)(UNK)(UNK)(UNK)(UNK)(UNK)(UNK)(UNK)(UNK)(UNK)(UNK)(UNK)
(UNK)(UNK)(UNK)(UNK)(UNK)(UNK)(UNK)(UNK)(UNK)
;
E
#
# COMPACT_ATOMS: atom_id res chain seq x y z
N GLU A 78 -16.83 35.65 -27.92
CA GLU A 78 -17.19 34.24 -28.27
C GLU A 78 -15.97 33.32 -28.17
N VAL A 79 -16.21 32.00 -28.17
CA VAL A 79 -15.15 31.01 -28.08
C VAL A 79 -14.76 30.53 -29.48
N SER A 80 -13.59 29.90 -29.58
CA SER A 80 -13.15 29.25 -30.81
C SER A 80 -12.17 28.14 -30.46
N VAL A 81 -12.16 27.09 -31.30
CA VAL A 81 -11.48 25.83 -30.98
C VAL A 81 -10.96 25.19 -32.26
N SER A 82 -9.97 24.31 -32.12
CA SER A 82 -9.49 23.46 -33.22
C SER A 82 -8.99 22.13 -32.67
N LEU A 83 -8.93 21.11 -33.54
CA LEU A 83 -8.63 19.74 -33.15
C LEU A 83 -7.96 19.01 -34.31
N SER A 84 -7.12 18.01 -34.01
CA SER A 84 -6.36 17.33 -35.05
C SER A 84 -5.72 16.04 -34.52
N VAL A 85 -5.18 15.23 -35.45
CA VAL A 85 -4.35 14.08 -35.13
C VAL A 85 -3.53 13.71 -36.37
N GLY A 86 -2.35 13.15 -36.16
CA GLY A 86 -1.53 12.68 -37.27
C GLY A 86 -0.10 12.43 -36.84
N PHE A 87 0.77 12.29 -37.86
CA PHE A 87 2.22 12.19 -37.66
C PHE A 87 2.92 13.27 -38.46
N LYS A 88 4.04 13.77 -37.93
CA LYS A 88 4.91 14.69 -38.66
C LYS A 88 6.31 14.66 -38.07
N THR A 89 7.30 14.95 -38.92
CA THR A 89 8.67 15.10 -38.44
C THR A 89 8.76 16.29 -37.49
N MET A 90 9.34 16.07 -36.31
CA MET A 90 9.32 17.11 -35.29
C MET A 90 10.48 16.92 -34.32
N ASP A 91 10.63 17.91 -33.44
CA ASP A 91 11.65 17.88 -32.40
C ASP A 91 11.37 16.78 -31.40
N PHE A 92 12.39 15.97 -31.12
CA PHE A 92 12.27 14.88 -30.16
C PHE A 92 12.14 15.45 -28.74
N PRO A 93 11.45 14.75 -27.85
CA PRO A 93 11.37 15.23 -26.47
C PRO A 93 12.75 15.37 -25.86
N ALA A 94 12.79 16.06 -24.72
CA ALA A 94 13.95 15.99 -23.86
C ALA A 94 13.73 14.90 -22.84
N VAL A 95 14.77 14.11 -22.59
CA VAL A 95 14.67 12.90 -21.78
C VAL A 95 15.68 13.00 -20.66
N THR A 96 15.27 12.66 -19.44
CA THR A 96 16.18 12.62 -18.31
C THR A 96 16.30 11.21 -17.75
N ILE A 97 17.51 10.87 -17.35
CA ILE A 97 17.83 9.61 -16.71
C ILE A 97 18.41 9.94 -15.35
N CYS A 98 17.99 9.20 -14.33
CA CYS A 98 18.58 9.37 -13.00
C CYS A 98 18.61 8.04 -12.27
N ASN A 99 19.67 7.82 -11.52
CA ASN A 99 19.78 6.62 -10.70
C ASN A 99 19.04 6.82 -9.39
N ALA A 100 18.28 5.82 -8.97
CA ALA A 100 17.40 6.03 -7.82
C ALA A 100 18.18 6.27 -6.53
N SER A 101 19.45 5.92 -6.47
CA SER A 101 20.26 6.17 -5.28
C SER A 101 21.13 7.39 -5.51
N PRO A 102 20.93 8.49 -4.79
CA PRO A 102 21.61 9.72 -5.15
C PRO A 102 23.13 9.67 -5.04
N PHE A 103 23.70 8.67 -4.41
CA PHE A 103 25.16 8.63 -4.25
C PHE A 103 25.69 7.22 -4.33
N LYS A 104 26.92 7.12 -4.82
CA LYS A 104 27.65 5.85 -4.78
C LYS A 104 28.13 5.63 -3.35
N TYR A 105 27.50 4.68 -2.66
CA TYR A 105 27.77 4.50 -1.24
C TYR A 105 29.27 4.49 -0.95
N SER A 106 30.03 3.74 -1.74
CA SER A 106 31.46 3.65 -1.51
C SER A 106 32.16 5.00 -1.64
N LYS A 107 31.54 5.97 -2.31
CA LYS A 107 32.15 7.29 -2.45
C LYS A 107 31.70 8.27 -1.39
N ILE A 108 30.74 7.91 -0.54
CA ILE A 108 30.22 8.85 0.44
C ILE A 108 30.16 8.28 1.85
N LYS A 109 30.28 6.97 2.05
CA LYS A 109 30.04 6.43 3.39
C LYS A 109 31.00 7.01 4.42
N HIS A 110 32.18 7.49 4.03
CA HIS A 110 33.03 8.15 5.01
C HIS A 110 32.33 9.33 5.64
N LEU A 111 31.38 9.93 4.94
CA LEU A 111 30.64 11.06 5.47
C LEU A 111 29.38 10.63 6.21
N LEU A 112 28.92 9.39 6.03
CA LEU A 112 27.73 8.89 6.70
C LEU A 112 28.03 7.82 7.74
N LYS A 113 29.31 7.44 7.91
CA LYS A 113 29.63 6.31 8.78
C LYS A 113 28.90 6.40 10.11
N ASP A 114 29.00 7.54 10.79
CA ASP A 114 28.38 7.65 12.10
C ASP A 114 26.87 7.48 12.01
N LEU A 115 26.23 8.13 11.03
CA LEU A 115 24.78 7.98 10.92
C LEU A 115 24.41 6.51 10.73
N ASP A 116 25.08 5.83 9.81
CA ASP A 116 24.76 4.42 9.61
C ASP A 116 24.95 3.62 10.89
N GLU A 117 26.10 3.82 11.55
CA GLU A 117 26.34 3.13 12.81
C GLU A 117 25.16 3.34 13.77
N LEU A 118 24.69 4.58 13.87
CA LEU A 118 23.53 4.86 14.70
C LEU A 118 22.30 4.14 14.17
N MET A 119 22.09 4.19 12.86
CA MET A 119 20.93 3.53 12.28
C MET A 119 20.90 2.05 12.64
N GLU A 120 22.04 1.36 12.47
CA GLU A 120 22.07 -0.05 12.79
C GLU A 120 21.61 -0.30 14.22
N ALA A 121 22.09 0.51 15.16
CA ALA A 121 21.68 0.31 16.55
C ALA A 121 20.18 0.51 16.70
N VAL A 122 19.62 1.55 16.07
CA VAL A 122 18.19 1.78 16.17
C VAL A 122 17.43 0.57 15.68
N LEU A 123 17.83 0.01 14.54
CA LEU A 123 17.17 -1.20 14.05
C LEU A 123 17.28 -2.32 15.05
N GLU A 124 18.49 -2.56 15.56
CA GLU A 124 18.68 -3.60 16.56
C GLU A 124 17.76 -3.35 17.76
N ARG A 125 17.71 -2.10 18.22
CA ARG A 125 16.91 -1.75 19.39
C ARG A 125 15.42 -1.86 19.13
N ILE A 126 15.00 -2.03 17.88
CA ILE A 126 13.60 -2.28 17.55
C ILE A 126 13.35 -3.74 17.25
N LEU A 127 14.20 -4.34 16.42
CA LEU A 127 13.94 -5.69 15.92
C LEU A 127 14.22 -6.76 16.97
N ALA A 128 15.35 -6.66 17.66
CA ALA A 128 15.76 -7.74 18.56
C ALA A 128 16.62 -7.21 19.68
N PRO A 129 16.04 -6.51 20.66
CA PRO A 129 16.84 -5.94 21.76
C PRO A 129 17.68 -6.96 22.50
N GLU A 130 17.21 -8.21 22.58
CA GLU A 130 17.93 -9.22 23.34
C GLU A 130 19.33 -9.47 22.80
N LEU A 131 19.62 -9.03 21.58
CA LEU A 131 20.95 -9.16 21.02
C LEU A 131 21.88 -8.01 21.43
N SER A 132 21.35 -6.98 22.08
CA SER A 132 22.10 -5.77 22.35
C SER A 132 22.80 -5.82 23.70
N HIS A 133 23.81 -4.95 23.85
CA HIS A 133 24.58 -4.84 25.09
C HIS A 133 24.91 -3.37 25.32
N ALA A 134 24.78 -2.93 26.59
CA ALA A 134 25.01 -1.52 26.91
C ALA A 134 26.41 -1.08 26.53
N ASN A 135 27.41 -1.93 26.73
CA ASN A 135 28.78 -1.60 26.35
C ASN A 135 29.00 -1.62 24.85
N ALA A 136 28.03 -2.12 24.07
CA ALA A 136 28.11 -2.05 22.62
C ALA A 136 27.36 -0.83 22.07
N THR A 137 26.16 -0.56 22.60
CA THR A 137 25.34 0.51 22.05
C THR A 137 25.81 1.89 22.49
N ARG A 138 26.09 2.09 23.79
CA ARG A 138 26.36 3.42 24.30
C ARG A 138 27.79 3.90 24.00
N ASN A 139 28.39 3.39 22.92
CA ASN A 139 29.54 4.05 22.28
C ASN A 139 29.11 5.07 21.24
N LEU A 140 27.84 5.06 20.86
CA LEU A 140 27.37 5.73 19.65
C LEU A 140 27.16 7.23 19.87
N ASN A 141 27.06 7.95 18.75
CA ASN A 141 27.15 9.41 18.69
C ASN A 141 25.77 10.04 18.90
N PHE A 142 25.33 10.03 20.16
CA PHE A 142 23.99 10.54 20.47
C PHE A 142 23.83 12.03 20.19
N SER A 143 24.90 12.74 19.82
CA SER A 143 24.71 14.13 19.41
C SER A 143 23.89 14.21 18.13
N ILE A 144 23.94 13.16 17.30
CA ILE A 144 23.05 13.08 16.16
C ILE A 144 21.63 12.80 16.61
N TRP A 145 21.48 11.91 17.59
CA TRP A 145 20.15 11.52 18.04
C TRP A 145 19.43 12.68 18.71
N ASN A 146 20.10 13.41 19.58
CA ASN A 146 19.46 14.49 20.32
C ASN A 146 18.89 15.56 19.40
N HIS A 147 19.30 15.60 18.14
CA HIS A 147 18.81 16.64 17.24
C HIS A 147 17.35 16.41 16.87
N THR A 148 16.95 15.17 16.69
CA THR A 148 15.60 14.88 16.23
C THR A 148 15.28 13.42 16.50
N PRO A 149 15.06 13.05 17.74
CA PRO A 149 14.96 11.64 18.12
C PRO A 149 13.61 11.04 17.76
N LEU A 150 13.62 9.73 17.56
CA LEU A 150 12.39 8.97 17.50
C LEU A 150 11.90 8.69 18.91
N VAL A 151 10.58 8.54 19.06
CA VAL A 151 10.01 8.12 20.33
C VAL A 151 8.88 7.17 20.06
N LEU A 152 8.68 6.24 20.99
CA LEU A 152 7.46 5.47 21.04
C LEU A 152 6.41 6.27 21.79
N ILE A 153 5.27 6.50 21.15
CA ILE A 153 4.10 7.04 21.83
C ILE A 153 3.24 5.86 22.24
N ASP A 154 3.12 5.65 23.53
CA ASP A 154 2.34 4.55 24.08
C ASP A 154 1.06 5.14 24.67
N GLU A 155 -0.04 5.01 23.94
CA GLU A 155 -1.32 5.55 24.38
C GLU A 155 -2.39 4.47 24.46
N ARG A 156 -2.00 3.21 24.60
CA ARG A 156 -3.00 2.15 24.77
C ARG A 156 -3.60 2.16 26.16
N ASN A 157 -3.16 3.07 27.04
CA ASN A 157 -3.85 3.37 28.28
C ASN A 157 -4.44 4.77 28.17
N PRO A 158 -5.68 4.91 27.67
CA PRO A 158 -6.22 6.26 27.46
C PRO A 158 -6.10 7.17 28.66
N HIS A 159 -6.17 6.62 29.86
CA HIS A 159 -6.15 7.41 31.07
C HIS A 159 -4.75 7.92 31.43
N HIS A 160 -3.72 7.48 30.70
CA HIS A 160 -2.34 7.89 31.01
C HIS A 160 -1.40 7.55 29.87
N PRO A 161 -1.30 8.37 28.83
CA PRO A 161 -0.36 8.08 27.74
C PRO A 161 1.07 8.34 28.17
N MET A 162 2.00 7.74 27.44
CA MET A 162 3.41 7.76 27.83
C MET A 162 4.30 7.88 26.60
N VAL A 163 5.44 8.56 26.76
CA VAL A 163 6.38 8.82 25.68
C VAL A 163 7.74 8.26 26.09
N LEU A 164 8.33 7.42 25.24
CA LEU A 164 9.60 6.77 25.54
C LEU A 164 10.60 7.00 24.42
N ASP A 165 11.75 7.55 24.78
CA ASP A 165 12.89 7.65 23.87
C ASP A 165 13.56 6.30 23.74
N LEU A 166 13.82 5.86 22.50
CA LEU A 166 14.34 4.52 22.30
C LEU A 166 15.70 4.31 22.97
N PHE A 167 16.39 5.38 23.33
CA PHE A 167 17.63 5.23 24.10
C PHE A 167 17.54 6.05 25.38
N ALA A 179 10.49 -10.86 30.63
CA ALA A 179 11.59 -10.00 31.07
C ALA A 179 12.21 -9.27 29.88
N SER A 180 11.54 -9.32 28.74
CA SER A 180 12.11 -8.83 27.48
C SER A 180 12.12 -7.31 27.42
N GLU A 181 13.08 -6.78 26.65
CA GLU A 181 13.18 -5.36 26.35
C GLU A 181 12.39 -4.97 25.11
N LYS A 182 11.55 -5.86 24.60
CA LYS A 182 10.88 -5.65 23.32
C LYS A 182 9.95 -4.43 23.35
N ILE A 183 10.11 -3.54 22.37
CA ILE A 183 9.32 -2.32 22.29
C ILE A 183 7.91 -2.64 21.80
N CYS A 184 6.96 -1.78 22.17
CA CYS A 184 5.55 -2.04 21.85
C CYS A 184 5.26 -1.83 20.36
N ASN A 185 4.45 -2.72 19.80
CA ASN A 185 3.89 -2.54 18.47
C ASN A 185 2.40 -2.89 18.43
N ALA A 186 1.71 -2.76 19.57
CA ALA A 186 0.30 -3.04 19.63
C ALA A 186 -0.51 -1.91 18.98
N HIS A 187 -1.83 -2.12 18.93
CA HIS A 187 -2.70 -1.16 18.25
C HIS A 187 -2.54 0.25 18.77
N GLY A 188 -2.46 0.43 20.08
CA GLY A 188 -2.39 1.74 20.68
C GLY A 188 -1.00 2.34 20.78
N CYS A 189 -0.04 1.82 20.03
CA CYS A 189 1.35 2.29 20.07
C CYS A 189 1.72 2.90 18.73
N LYS A 190 2.30 4.09 18.77
CA LYS A 190 2.66 4.83 17.57
C LYS A 190 4.12 5.25 17.63
N MET A 191 4.74 5.34 16.46
CA MET A 191 6.14 5.73 16.32
C MET A 191 6.20 7.16 15.81
N ALA A 192 6.99 8.01 16.47
CA ALA A 192 6.94 9.44 16.19
C ALA A 192 8.30 10.09 16.30
N MET A 193 8.46 11.22 15.60
CA MET A 193 9.64 12.07 15.69
C MET A 193 9.30 13.30 16.53
N ARG A 194 10.21 13.68 17.43
CA ARG A 194 10.00 14.85 18.26
C ARG A 194 10.80 16.03 17.70
N LEU A 195 10.19 16.72 16.74
CA LEU A 195 10.79 17.93 16.20
C LEU A 195 10.77 19.04 17.23
N CYS A 196 11.82 19.87 17.26
CA CYS A 196 11.99 20.83 18.34
C CYS A 196 12.60 22.13 17.84
N SER A 197 12.41 23.19 18.65
CA SER A 197 12.96 24.51 18.36
C SER A 197 13.11 25.29 19.66
N LEU A 198 13.71 26.48 19.55
CA LEU A 198 13.90 27.40 20.68
C LEU A 198 14.58 26.69 21.86
N ASN A 199 15.85 26.35 21.66
CA ASN A 199 16.61 25.58 22.65
C ASN A 199 15.80 24.34 23.07
N ARG A 200 15.11 23.78 22.09
CA ARG A 200 14.13 22.69 22.27
C ARG A 200 13.28 22.88 23.52
N THR A 201 12.87 24.12 23.78
CA THR A 201 11.81 24.36 24.75
C THR A 201 10.44 24.08 24.15
N GLN A 202 10.29 24.24 22.83
CA GLN A 202 9.06 23.92 22.13
C GLN A 202 9.30 22.76 21.19
N CYS A 203 8.36 21.81 21.16
CA CYS A 203 8.50 20.60 20.34
C CYS A 203 7.12 20.15 19.90
N THR A 204 7.09 19.39 18.81
CA THR A 204 5.85 18.79 18.32
C THR A 204 6.14 17.37 17.82
N PHE A 205 5.26 16.44 18.17
CA PHE A 205 5.42 15.05 17.74
C PHE A 205 4.78 14.86 16.37
N ARG A 206 5.57 14.35 15.43
CA ARG A 206 5.08 13.99 14.10
C ARG A 206 4.92 12.48 14.05
N ASN A 207 3.74 12.02 13.63
CA ASN A 207 3.37 10.62 13.77
C ASN A 207 3.64 9.80 12.52
N PHE A 208 3.87 8.50 12.73
CA PHE A 208 3.83 7.49 11.68
C PHE A 208 3.26 6.22 12.29
N THR A 209 2.30 5.60 11.62
CA THR A 209 1.66 4.40 12.15
C THR A 209 2.42 3.13 11.81
N SER A 210 3.68 3.22 11.40
CA SER A 210 4.47 2.02 11.11
C SER A 210 5.93 2.37 11.18
N ALA A 211 6.73 1.45 11.70
CA ALA A 211 8.16 1.71 11.81
C ALA A 211 8.78 1.97 10.44
N THR A 212 8.40 1.19 9.44
CA THR A 212 9.00 1.37 8.11
C THR A 212 8.86 2.79 7.64
N GLN A 213 7.72 3.42 7.88
CA GLN A 213 7.56 4.82 7.52
C GLN A 213 8.46 5.69 8.37
N ALA A 214 8.40 5.51 9.69
CA ALA A 214 9.20 6.35 10.59
C ALA A 214 10.67 6.27 10.23
N LEU A 215 11.22 5.07 10.17
CA LEU A 215 12.66 4.94 9.97
C LEU A 215 13.09 5.61 8.68
N THR A 216 12.40 5.35 7.57
CA THR A 216 12.81 5.99 6.32
C THR A 216 12.74 7.50 6.45
N GLU A 217 11.62 8.03 6.92
CA GLU A 217 11.50 9.47 7.07
C GLU A 217 12.61 10.02 7.94
N TRP A 218 12.90 9.35 9.05
CA TRP A 218 13.95 9.83 9.93
C TRP A 218 15.29 9.84 9.22
N TYR A 219 15.71 8.70 8.67
CA TYR A 219 17.01 8.64 8.02
C TYR A 219 17.11 9.69 6.92
N ILE A 220 16.07 9.82 6.11
CA ILE A 220 16.10 10.82 5.04
C ILE A 220 16.37 12.20 5.63
N LEU A 221 15.68 12.54 6.72
CA LEU A 221 15.87 13.86 7.29
C LEU A 221 17.28 14.01 7.85
N GLN A 222 17.76 13.01 8.58
CA GLN A 222 19.13 13.08 9.08
C GLN A 222 20.11 13.22 7.93
N ALA A 223 20.04 12.32 6.96
CA ALA A 223 20.95 12.41 5.81
C ALA A 223 20.89 13.79 5.20
N THR A 224 19.68 14.32 5.00
CA THR A 224 19.57 15.67 4.46
C THR A 224 20.36 16.65 5.31
N ASN A 225 20.31 16.52 6.62
CA ASN A 225 21.04 17.44 7.46
C ASN A 225 22.54 17.32 7.26
N ILE A 226 23.01 16.18 6.77
CA ILE A 226 24.44 16.02 6.54
C ILE A 226 24.81 16.54 5.15
N PHE A 227 24.10 16.10 4.11
CA PHE A 227 24.44 16.53 2.76
C PHE A 227 24.50 18.05 2.66
N ALA A 228 23.60 18.76 3.34
CA ALA A 228 23.59 20.21 3.25
C ALA A 228 24.96 20.80 3.57
N GLN A 229 25.73 20.14 4.43
CA GLN A 229 27.00 20.71 4.84
C GLN A 229 28.05 20.65 3.74
N VAL A 230 27.81 19.92 2.67
CA VAL A 230 28.84 19.68 1.65
C VAL A 230 28.71 20.72 0.54
N PRO A 231 29.81 21.26 0.02
CA PRO A 231 29.69 22.14 -1.15
C PRO A 231 29.35 21.34 -2.40
N GLN A 232 28.36 21.84 -3.15
CA GLN A 232 27.84 21.09 -4.28
C GLN A 232 28.95 20.65 -5.21
N GLN A 233 29.88 21.55 -5.53
CA GLN A 233 30.95 21.23 -6.47
C GLN A 233 31.69 19.96 -6.11
N GLU A 234 31.67 19.57 -4.83
CA GLU A 234 32.26 18.30 -4.42
C GLU A 234 31.21 17.21 -4.39
N LEU A 235 30.03 17.53 -3.87
CA LEU A 235 28.99 16.51 -3.75
C LEU A 235 28.62 15.95 -5.11
N VAL A 236 28.70 16.76 -6.16
CA VAL A 236 28.36 16.30 -7.50
C VAL A 236 29.19 15.11 -7.90
N GLU A 237 30.37 14.94 -7.31
CA GLU A 237 31.25 13.84 -7.69
C GLU A 237 30.87 12.54 -7.02
N MET A 238 30.03 12.57 -6.01
CA MET A 238 29.66 11.36 -5.30
C MET A 238 28.44 10.69 -5.89
N SER A 239 27.83 11.28 -6.92
CA SER A 239 26.76 10.62 -7.65
C SER A 239 27.32 9.78 -8.78
N TYR A 240 26.51 8.87 -9.26
CA TYR A 240 26.91 8.00 -10.36
C TYR A 240 27.35 8.84 -11.56
N PRO A 241 28.62 8.82 -11.95
CA PRO A 241 29.01 9.53 -13.16
C PRO A 241 28.43 8.87 -14.40
N GLY A 242 28.10 9.70 -15.39
CA GLY A 242 27.59 9.17 -16.64
C GLY A 242 28.48 8.08 -17.21
N GLU A 243 29.79 8.27 -17.10
CA GLU A 243 30.73 7.26 -17.56
C GLU A 243 30.41 5.88 -17.02
N GLN A 244 29.82 5.80 -15.81
CA GLN A 244 29.44 4.50 -15.29
C GLN A 244 28.02 4.11 -15.68
N MET A 245 27.10 5.07 -15.71
CA MET A 245 25.70 4.72 -15.94
C MET A 245 25.45 4.27 -17.37
N ILE A 246 25.85 5.09 -18.33
CA ILE A 246 25.35 4.96 -19.70
C ILE A 246 26.26 4.06 -20.52
N LEU A 247 26.15 2.75 -20.31
CA LEU A 247 27.05 1.82 -21.00
C LEU A 247 26.96 1.97 -22.50
N ALA A 248 25.76 2.08 -23.05
CA ALA A 248 25.62 2.21 -24.50
C ALA A 248 24.41 3.08 -24.81
N CYS A 249 24.46 3.73 -25.97
CA CYS A 249 23.48 4.73 -26.32
C CYS A 249 23.43 4.88 -27.84
N LEU A 250 22.22 5.11 -28.36
CA LEU A 250 22.02 5.29 -29.79
C LEU A 250 20.75 6.09 -30.00
N PHE A 251 20.74 6.89 -31.07
CA PHE A 251 19.58 7.74 -31.39
C PHE A 251 19.28 7.58 -32.87
N GLY A 252 18.21 6.85 -33.18
CA GLY A 252 18.00 6.45 -34.55
C GLY A 252 19.18 5.62 -35.01
N ALA A 253 19.88 6.11 -36.04
CA ALA A 253 21.12 5.48 -36.49
C ALA A 253 22.36 6.15 -35.92
N GLU A 254 22.22 7.25 -35.19
CA GLU A 254 23.36 8.10 -34.91
C GLU A 254 24.07 7.68 -33.62
N PRO A 255 25.39 7.83 -33.56
CA PRO A 255 26.16 7.36 -32.41
C PRO A 255 26.01 8.27 -31.21
N CYS A 256 26.49 7.79 -30.06
CA CYS A 256 26.26 8.50 -28.80
C CYS A 256 27.17 7.99 -27.71
N ASN A 257 27.46 8.86 -26.74
CA ASN A 257 28.21 8.50 -25.54
C ASN A 257 27.89 9.53 -24.47
N TYR A 258 28.21 9.18 -23.22
CA TYR A 258 27.69 9.95 -22.08
C TYR A 258 27.97 11.44 -22.22
N ARG A 259 29.10 11.82 -22.83
CA ARG A 259 29.41 13.24 -22.96
C ARG A 259 28.35 14.00 -23.72
N ASN A 260 27.47 13.30 -24.43
CA ASN A 260 26.43 13.96 -25.21
C ASN A 260 25.26 14.43 -24.34
N PHE A 261 25.14 13.92 -23.12
CA PHE A 261 24.09 14.36 -22.21
C PHE A 261 24.55 15.61 -21.46
N THR A 262 23.58 16.40 -20.99
CA THR A 262 23.88 17.45 -20.04
C THR A 262 23.63 16.94 -18.63
N SER A 263 24.39 17.47 -17.68
CA SER A 263 24.39 17.00 -16.30
C SER A 263 23.85 18.08 -15.37
N ILE A 264 22.93 17.70 -14.49
CA ILE A 264 22.47 18.60 -13.44
C ILE A 264 22.33 17.83 -12.14
N PHE A 265 22.63 18.49 -11.03
CA PHE A 265 22.54 17.86 -9.72
C PHE A 265 21.15 18.10 -9.16
N TYR A 266 20.23 17.22 -9.51
CA TYR A 266 18.88 17.31 -8.98
C TYR A 266 18.87 16.74 -7.58
N PRO A 267 18.72 17.59 -6.55
CA PRO A 267 19.21 17.22 -5.22
C PRO A 267 18.59 15.96 -4.64
N HIS A 268 17.42 15.52 -5.09
CA HIS A 268 16.89 14.29 -4.51
C HIS A 268 17.48 13.05 -5.15
N TYR A 269 18.05 13.17 -6.36
CA TYR A 269 18.58 12.02 -7.07
C TYR A 269 20.03 12.19 -7.49
N GLY A 270 20.73 13.19 -6.97
CA GLY A 270 22.12 13.34 -7.38
C GLY A 270 22.21 13.75 -8.83
N ASN A 271 23.20 13.21 -9.54
CA ASN A 271 23.36 13.54 -10.94
C ASN A 271 22.21 12.96 -11.74
N CYS A 272 21.48 13.83 -12.42
CA CYS A 272 20.54 13.44 -13.46
C CYS A 272 21.14 13.85 -14.80
N TYR A 273 21.01 12.98 -15.79
CA TYR A 273 21.53 13.25 -17.11
C TYR A 273 20.39 13.53 -18.07
N ILE A 274 20.44 14.68 -18.71
CA ILE A 274 19.40 15.12 -19.64
C ILE A 274 19.89 14.88 -21.04
N PHE A 275 19.07 14.24 -21.86
CA PHE A 275 19.37 14.08 -23.27
C PHE A 275 18.60 15.12 -24.06
N ASN A 276 19.23 15.63 -25.11
CA ASN A 276 18.54 16.49 -26.07
C ASN A 276 17.81 17.63 -25.38
N TRP A 277 18.49 18.28 -24.42
CA TRP A 277 17.84 19.34 -23.65
C TRP A 277 17.52 20.56 -24.49
N GLY A 278 18.22 20.76 -25.61
CA GLY A 278 17.94 21.91 -26.44
C GLY A 278 18.29 23.24 -25.84
N MET A 279 19.05 23.26 -24.75
CA MET A 279 19.44 24.52 -24.13
C MET A 279 20.78 24.99 -24.67
N THR A 280 21.79 24.12 -24.64
CA THR A 280 23.11 24.48 -25.11
C THR A 280 23.22 24.42 -26.63
N GLU A 281 22.41 23.59 -27.27
CA GLU A 281 22.53 23.30 -28.69
C GLU A 281 21.15 23.19 -29.31
N LYS A 282 21.11 23.16 -30.65
CA LYS A 282 19.84 22.97 -31.33
C LYS A 282 19.33 21.55 -31.10
N ALA A 283 18.03 21.44 -30.83
CA ALA A 283 17.45 20.15 -30.49
C ALA A 283 17.41 19.22 -31.70
N LEU A 284 17.47 17.92 -31.43
CA LEU A 284 17.47 16.94 -32.50
C LEU A 284 16.06 16.68 -33.00
N PRO A 285 15.85 16.51 -34.30
CA PRO A 285 14.57 16.03 -34.80
C PRO A 285 14.57 14.51 -34.87
N SER A 286 13.39 13.96 -35.18
CA SER A 286 13.28 12.56 -35.58
C SER A 286 12.27 12.45 -36.70
N ALA A 287 12.57 11.60 -37.68
CA ALA A 287 11.85 11.59 -38.94
C ALA A 287 10.71 10.59 -39.00
N ASN A 288 10.71 9.58 -38.13
CA ASN A 288 9.80 8.45 -38.30
C ASN A 288 9.33 7.92 -36.95
N PRO A 289 8.18 7.26 -36.90
CA PRO A 289 7.79 6.56 -35.69
C PRO A 289 8.55 5.25 -35.53
N GLY A 290 8.29 4.52 -34.45
CA GLY A 290 8.85 3.19 -34.29
C GLY A 290 10.22 3.19 -33.62
N THR A 291 10.51 2.07 -32.95
CA THR A 291 11.74 1.97 -32.15
C THR A 291 12.99 2.22 -32.98
N GLU A 292 12.95 1.91 -34.28
CA GLU A 292 14.14 2.07 -35.10
C GLU A 292 14.61 3.52 -35.16
N PHE A 293 13.77 4.48 -34.78
CA PHE A 293 14.09 5.88 -34.90
C PHE A 293 13.99 6.64 -33.59
N GLY A 294 13.99 5.93 -32.45
CA GLY A 294 13.98 6.54 -31.16
C GLY A 294 15.34 6.44 -30.48
N LEU A 295 15.32 6.60 -29.15
CA LEU A 295 16.52 6.32 -28.37
C LEU A 295 16.67 4.82 -28.16
N LYS A 296 17.91 4.36 -28.15
CA LYS A 296 18.27 3.08 -27.58
C LYS A 296 19.27 3.35 -26.47
N LEU A 297 18.95 2.94 -25.25
CA LEU A 297 19.86 3.10 -24.12
C LEU A 297 20.06 1.77 -23.43
N ILE A 298 21.28 1.53 -22.99
CA ILE A 298 21.59 0.42 -22.09
C ILE A 298 22.30 1.01 -20.89
N LEU A 299 21.64 0.96 -19.73
CA LEU A 299 22.08 1.66 -18.54
C LEU A 299 22.43 0.68 -17.44
N ASP A 300 23.41 1.05 -16.62
CA ASP A 300 23.86 0.23 -15.50
C ASP A 300 23.48 0.90 -14.19
N ILE A 301 22.66 0.23 -13.39
CA ILE A 301 22.20 0.77 -12.13
C ILE A 301 23.31 0.74 -11.08
N GLY A 302 24.14 -0.29 -11.08
CA GLY A 302 25.12 -0.48 -10.03
C GLY A 302 24.49 -0.64 -8.66
N GLN A 303 23.51 -1.52 -8.54
CA GLN A 303 22.83 -1.70 -7.25
C GLN A 303 23.81 -1.91 -6.12
N GLU A 304 24.89 -2.65 -6.36
CA GLU A 304 25.80 -3.02 -5.29
C GLU A 304 26.32 -1.82 -4.52
N ASP A 305 26.16 -0.61 -5.06
CA ASP A 305 26.74 0.59 -4.48
C ASP A 305 25.69 1.56 -3.95
N TYR A 306 24.45 1.13 -3.81
CA TYR A 306 23.38 2.01 -3.33
C TYR A 306 23.61 2.41 -1.88
N VAL A 307 23.05 3.55 -1.49
CA VAL A 307 23.07 4.00 -0.10
C VAL A 307 22.09 3.14 0.67
N PRO A 308 22.54 2.34 1.64
CA PRO A 308 21.68 1.26 2.16
C PRO A 308 20.32 1.70 2.65
N PHE A 309 20.24 2.69 3.54
CA PHE A 309 18.98 3.02 4.18
C PHE A 309 18.17 4.03 3.40
N LEU A 310 18.80 4.72 2.47
CA LEU A 310 18.10 5.51 1.47
C LEU A 310 17.71 4.56 0.34
N ALA A 311 17.18 5.08 -0.76
CA ALA A 311 17.07 4.33 -2.01
C ALA A 311 16.45 2.94 -1.81
N SER A 312 15.19 2.91 -1.39
CA SER A 312 14.50 1.63 -1.24
C SER A 312 14.20 0.97 -2.58
N THR A 313 14.02 1.75 -3.63
CA THR A 313 13.62 1.24 -4.94
C THR A 313 14.82 1.25 -5.89
N ALA A 314 14.90 0.25 -6.75
CA ALA A 314 15.99 0.17 -7.72
C ALA A 314 15.45 0.21 -9.14
N GLY A 315 16.24 0.81 -10.03
CA GLY A 315 15.83 1.06 -11.39
C GLY A 315 15.88 2.55 -11.66
N VAL A 316 16.06 2.95 -12.92
CA VAL A 316 16.25 4.37 -13.21
C VAL A 316 14.92 5.10 -13.06
N ARG A 317 14.98 6.31 -12.51
CA ARG A 317 13.90 7.26 -12.66
C ARG A 317 14.05 7.92 -14.03
N LEU A 318 12.92 8.18 -14.67
CA LEU A 318 12.93 8.60 -16.07
C LEU A 318 11.77 9.55 -16.31
N MET A 319 11.99 10.55 -17.18
CA MET A 319 10.95 11.52 -17.45
C MET A 319 11.13 12.11 -18.83
N LEU A 320 10.01 12.49 -19.45
CA LEU A 320 10.00 13.18 -20.72
C LEU A 320 9.46 14.60 -20.50
N HIS A 321 9.96 15.57 -21.26
CA HIS A 321 9.59 16.96 -21.04
C HIS A 321 10.07 17.82 -22.18
N GLU A 322 9.53 19.03 -22.26
CA GLU A 322 9.89 19.95 -23.33
C GLU A 322 11.27 20.55 -23.10
N GLN A 323 11.91 20.97 -24.18
CA GLN A 323 13.24 21.57 -24.08
C GLN A 323 13.23 22.73 -23.11
N ARG A 324 14.34 22.89 -22.39
CA ARG A 324 14.52 23.99 -21.45
C ARG A 324 13.48 23.96 -20.34
N SER A 325 13.21 22.77 -19.81
CA SER A 325 12.41 22.58 -18.60
C SER A 325 13.22 21.76 -17.61
N TYR A 326 12.89 21.88 -16.32
CA TYR A 326 13.93 21.65 -15.31
C TYR A 326 14.53 20.25 -15.27
N PRO A 327 13.79 19.14 -15.21
CA PRO A 327 12.38 18.90 -14.91
C PRO A 327 12.21 18.50 -13.47
N PHE A 328 10.97 18.37 -13.02
CA PHE A 328 10.70 18.03 -11.63
C PHE A 328 10.41 16.54 -11.48
N ILE A 329 11.47 15.78 -11.76
CA ILE A 329 11.37 14.34 -11.93
C ILE A 329 10.97 13.60 -10.67
N ARG A 330 11.08 14.22 -9.49
CA ARG A 330 10.63 13.53 -8.29
C ARG A 330 9.14 13.22 -8.36
N ASP A 331 8.37 14.09 -9.00
CA ASP A 331 6.92 13.97 -9.00
C ASP A 331 6.36 13.42 -10.30
N GLU A 332 6.89 13.81 -11.45
CA GLU A 332 6.30 13.47 -12.73
C GLU A 332 7.02 12.34 -13.44
N GLY A 333 7.94 11.64 -12.77
CA GLY A 333 8.79 10.69 -13.45
C GLY A 333 8.29 9.26 -13.44
N ILE A 334 8.59 8.57 -14.53
CA ILE A 334 8.35 7.14 -14.69
C ILE A 334 9.52 6.35 -14.08
N TYR A 335 9.30 5.08 -13.82
CA TYR A 335 10.38 4.14 -13.49
C TYR A 335 10.64 3.21 -14.66
N ALA A 336 11.80 2.57 -14.66
CA ALA A 336 12.09 1.47 -15.56
C ALA A 336 12.93 0.43 -14.83
N MET A 337 12.52 -0.82 -14.91
CA MET A 337 13.03 -1.86 -14.02
C MET A 337 14.26 -2.56 -14.61
N SER A 338 15.20 -2.89 -13.74
CA SER A 338 16.40 -3.57 -14.20
C SER A 338 16.06 -4.95 -14.73
N GLY A 339 16.88 -5.43 -15.67
CA GLY A 339 16.62 -6.71 -16.29
C GLY A 339 15.45 -6.72 -17.25
N THR A 340 15.10 -5.57 -17.83
CA THR A 340 14.00 -5.52 -18.79
C THR A 340 14.35 -4.57 -19.92
N GLU A 341 13.70 -4.79 -21.06
CA GLU A 341 13.77 -3.85 -22.18
C GLU A 341 12.52 -2.97 -22.16
N THR A 342 12.44 -2.17 -21.11
CA THR A 342 11.31 -1.25 -20.96
C THR A 342 11.24 -0.34 -22.17
N SER A 343 10.14 -0.42 -22.90
CA SER A 343 9.97 0.30 -24.16
C SER A 343 8.80 1.24 -24.06
N ILE A 344 9.04 2.52 -24.36
CA ILE A 344 8.07 3.57 -24.13
C ILE A 344 7.67 4.16 -25.48
N GLY A 345 6.39 4.05 -25.81
CA GLY A 345 5.84 4.75 -26.96
C GLY A 345 5.35 6.12 -26.53
N VAL A 346 5.56 7.10 -27.40
CA VAL A 346 5.35 8.51 -27.05
C VAL A 346 4.34 9.13 -28.00
N LEU A 347 3.55 10.07 -27.48
CA LEU A 347 2.56 10.82 -28.24
C LEU A 347 2.45 12.20 -27.64
N VAL A 348 2.35 13.24 -28.48
CA VAL A 348 2.48 14.62 -28.05
C VAL A 348 1.13 15.31 -28.09
N ASP A 349 0.77 15.99 -26.99
CA ASP A 349 -0.35 16.91 -26.94
C ASP A 349 0.16 18.33 -26.70
N LYS A 350 -0.53 19.32 -27.25
CA LYS A 350 -0.22 20.72 -27.00
C LYS A 350 -1.51 21.52 -26.88
N LEU A 351 -1.51 22.54 -26.01
CA LEU A 351 -2.69 23.34 -25.77
C LEU A 351 -2.31 24.75 -25.33
N GLN A 352 -3.16 25.71 -25.70
CA GLN A 352 -3.09 27.09 -25.22
C GLN A 352 -4.46 27.48 -24.71
N ARG A 353 -4.50 28.30 -23.65
CA ARG A 353 -5.75 28.61 -22.97
C ARG A 353 -6.38 29.90 -23.52
N MET A 354 -7.67 30.08 -23.19
CA MET A 354 -8.45 31.16 -23.79
C MET A 354 -8.05 32.53 -23.26
N GLY A 355 -7.86 32.66 -21.96
CA GLY A 355 -7.51 33.94 -21.38
C GLY A 355 -7.74 33.97 -19.88
N GLU A 356 -7.32 35.09 -19.28
CA GLU A 356 -7.25 35.20 -17.82
C GLU A 356 -8.56 34.88 -17.10
N PRO A 357 -9.71 35.49 -17.44
CA PRO A 357 -10.94 35.18 -16.68
C PRO A 357 -11.42 33.77 -16.86
N TYR A 358 -10.95 33.07 -17.90
CA TYR A 358 -11.24 31.66 -18.10
C TYR A 358 -10.22 30.79 -17.38
N SER A 359 -8.97 31.25 -17.33
CA SER A 359 -7.97 30.71 -16.42
C SER A 359 -6.80 31.68 -16.38
N PRO A 360 -6.26 32.02 -15.21
CA PRO A 360 -5.11 32.92 -15.17
C PRO A 360 -3.87 32.29 -15.79
N CYS A 361 -3.68 32.55 -17.08
CA CYS A 361 -2.65 31.93 -17.89
C CYS A 361 -1.59 32.97 -18.23
N THR A 362 -0.32 32.64 -18.01
CA THR A 362 0.78 33.55 -18.34
C THR A 362 1.61 32.99 -19.48
N VAL A 363 2.10 33.89 -20.33
CA VAL A 363 2.83 33.47 -21.52
C VAL A 363 4.25 33.06 -21.17
N ASN A 364 4.93 33.84 -20.32
CA ASN A 364 6.34 33.57 -20.03
C ASN A 364 6.71 33.86 -18.59
N GLY A 365 5.75 33.93 -17.67
CA GLY A 365 6.04 34.05 -16.26
C GLY A 365 6.54 35.41 -15.82
N SER A 366 6.82 36.32 -16.74
CA SER A 366 7.33 37.63 -16.34
C SER A 366 6.35 38.42 -15.49
N GLU A 367 5.13 37.92 -15.30
CA GLU A 367 4.12 38.65 -14.54
C GLU A 367 4.25 38.43 -13.04
N VAL A 368 4.51 37.20 -12.61
CA VAL A 368 4.32 36.83 -11.21
C VAL A 368 5.38 37.48 -10.31
N PRO A 369 5.08 37.70 -9.03
CA PRO A 369 6.07 38.31 -8.13
C PRO A 369 7.12 37.33 -7.61
N VAL A 370 6.98 36.04 -7.90
CA VAL A 370 7.90 35.04 -7.36
C VAL A 370 9.26 35.16 -8.03
N GLN A 371 10.32 35.00 -7.23
CA GLN A 371 11.68 35.21 -7.72
C GLN A 371 12.10 34.21 -8.79
N ASN A 372 11.51 33.02 -8.80
CA ASN A 372 11.89 31.94 -9.71
C ASN A 372 13.38 31.62 -9.60
N PHE A 373 13.72 31.03 -8.46
CA PHE A 373 15.12 30.73 -8.16
C PHE A 373 15.76 29.85 -9.23
N TYR A 374 14.99 28.96 -9.84
CA TYR A 374 15.58 28.06 -10.83
C TYR A 374 16.18 28.78 -12.02
N SER A 375 15.94 30.09 -12.17
CA SER A 375 16.33 30.79 -13.39
C SER A 375 17.83 30.66 -13.70
N ASP A 376 18.67 30.31 -12.71
CA ASP A 376 20.09 30.13 -13.02
C ASP A 376 20.31 28.96 -13.98
N TYR A 377 19.36 28.05 -14.10
CA TYR A 377 19.44 26.98 -15.08
C TYR A 377 18.85 27.38 -16.44
N ASN A 378 18.50 28.65 -16.63
CA ASN A 378 17.91 29.15 -17.87
C ASN A 378 16.68 28.38 -18.32
N THR A 379 16.03 27.65 -17.41
CA THR A 379 14.77 27.01 -17.78
C THR A 379 13.69 28.05 -18.02
N THR A 380 12.65 27.67 -18.77
CA THR A 380 11.50 28.54 -18.90
C THR A 380 10.73 28.58 -17.58
N TYR A 381 9.76 29.49 -17.52
CA TYR A 381 8.81 29.46 -16.41
C TYR A 381 8.01 28.18 -16.45
N SER A 382 7.48 27.79 -15.30
CA SER A 382 6.53 26.69 -15.23
C SER A 382 5.85 26.73 -13.86
N ILE A 383 4.62 26.24 -13.82
CA ILE A 383 3.87 26.25 -12.57
C ILE A 383 4.67 25.55 -11.48
N GLN A 384 5.29 24.42 -11.83
CA GLN A 384 6.09 23.70 -10.84
C GLN A 384 7.18 24.59 -10.27
N ALA A 385 7.98 25.18 -11.14
CA ALA A 385 9.10 26.00 -10.66
C ALA A 385 8.60 27.10 -9.73
N CYS A 386 7.46 27.70 -10.07
CA CYS A 386 6.96 28.80 -9.24
C CYS A 386 6.55 28.29 -7.86
N LEU A 387 5.79 27.20 -7.80
CA LEU A 387 5.41 26.65 -6.51
C LEU A 387 6.63 26.43 -5.62
N ARG A 388 7.58 25.63 -6.10
CA ARG A 388 8.69 25.25 -5.24
C ARG A 388 9.50 26.47 -4.81
N SER A 389 9.83 27.36 -5.74
CA SER A 389 10.56 28.54 -5.33
C SER A 389 9.73 29.38 -4.35
N CYS A 390 8.42 29.43 -4.55
CA CYS A 390 7.57 30.13 -3.57
C CYS A 390 7.71 29.51 -2.20
N PHE A 391 7.63 28.17 -2.13
CA PHE A 391 7.87 27.49 -0.86
C PHE A 391 9.20 27.89 -0.27
N GLN A 392 10.28 27.73 -1.06
CA GLN A 392 11.60 28.11 -0.59
C GLN A 392 11.62 29.55 -0.10
N ASP A 393 10.99 30.45 -0.85
CA ASP A 393 10.97 31.85 -0.45
C ASP A 393 10.38 32.01 0.94
N HIS A 394 9.19 31.46 1.17
CA HIS A 394 8.60 31.53 2.50
C HIS A 394 9.56 31.01 3.54
N MET A 395 10.27 29.93 3.24
CA MET A 395 11.16 29.36 4.25
C MET A 395 12.33 30.29 4.54
N ILE A 396 12.83 30.99 3.52
CA ILE A 396 13.90 31.95 3.78
C ILE A 396 13.40 33.07 4.68
N ARG A 397 12.11 33.41 4.58
CA ARG A 397 11.53 34.37 5.52
C ARG A 397 11.41 33.77 6.91
N ASN A 398 10.74 32.62 7.03
CA ASN A 398 10.40 32.09 8.33
C ASN A 398 11.59 31.52 9.08
N CYS A 399 12.56 30.97 8.37
CA CYS A 399 13.67 30.26 9.01
C CYS A 399 15.03 30.84 8.67
N ASN A 400 15.10 31.99 8.01
CA ASN A 400 16.37 32.60 7.61
C ASN A 400 17.27 31.58 6.92
N CYS A 401 16.67 30.63 6.20
CA CYS A 401 17.44 29.56 5.57
C CYS A 401 16.62 28.92 4.46
N GLY A 402 17.30 28.14 3.63
CA GLY A 402 16.68 27.47 2.49
C GLY A 402 16.89 25.96 2.55
N HIS A 403 15.85 25.21 2.24
CA HIS A 403 15.89 23.76 2.38
C HIS A 403 16.71 23.13 1.26
N TYR A 404 17.22 21.93 1.53
CA TYR A 404 18.19 21.30 0.64
C TYR A 404 17.59 20.92 -0.70
N LEU A 405 16.33 20.50 -0.73
CA LEU A 405 15.76 19.98 -1.97
C LEU A 405 15.37 21.05 -2.97
N TYR A 406 15.62 22.32 -2.71
CA TYR A 406 15.29 23.37 -3.65
C TYR A 406 16.48 24.32 -3.79
N PRO A 407 16.63 24.96 -4.94
CA PRO A 407 17.80 25.82 -5.13
C PRO A 407 17.79 27.00 -4.19
N LEU A 408 18.94 27.67 -4.11
CA LEU A 408 19.12 28.82 -3.23
C LEU A 408 19.27 30.10 -4.03
N PRO A 409 18.65 31.19 -3.62
CA PRO A 409 19.10 32.50 -4.10
C PRO A 409 20.49 32.77 -3.55
N ARG A 410 21.34 33.33 -4.42
CA ARG A 410 22.78 33.15 -4.27
C ARG A 410 23.31 33.60 -2.90
N GLY A 411 22.63 34.51 -2.21
CA GLY A 411 23.16 35.00 -0.95
C GLY A 411 22.91 34.12 0.26
N GLU A 412 21.95 33.20 0.18
CA GLU A 412 21.48 32.47 1.35
C GLU A 412 22.33 31.22 1.58
N LYS A 413 21.81 30.27 2.38
CA LYS A 413 22.58 29.12 2.83
C LYS A 413 21.66 27.94 3.10
N TYR A 414 22.15 26.73 2.89
CA TYR A 414 21.36 25.54 3.20
C TYR A 414 21.27 25.35 4.71
N CYS A 415 20.29 24.57 5.16
CA CYS A 415 19.92 24.50 6.57
C CYS A 415 20.62 23.34 7.27
N ASN A 416 21.84 23.62 7.75
CA ASN A 416 22.51 22.74 8.69
C ASN A 416 21.95 22.99 10.09
N ASN A 417 21.68 21.92 10.83
CA ASN A 417 21.33 22.12 12.23
C ASN A 417 22.49 22.77 12.98
N ARG A 418 23.73 22.51 12.52
CA ARG A 418 24.90 23.22 13.01
C ARG A 418 24.70 24.74 13.02
N ASP A 419 23.95 25.26 12.05
CA ASP A 419 23.78 26.69 11.87
C ASP A 419 22.37 27.18 12.18
N PHE A 420 21.38 26.30 12.13
CA PHE A 420 19.99 26.67 12.37
C PHE A 420 19.34 25.54 13.15
N PRO A 421 19.70 25.37 14.42
CA PRO A 421 19.30 24.17 15.15
C PRO A 421 17.82 23.86 15.08
N ASP A 422 16.99 24.82 14.73
CA ASP A 422 15.54 24.64 14.70
C ASP A 422 15.00 24.35 13.32
N TRP A 423 15.85 24.21 12.31
CA TRP A 423 15.35 24.22 10.93
C TRP A 423 14.34 23.10 10.70
N ALA A 424 14.61 21.90 11.21
CA ALA A 424 13.70 20.80 10.95
C ALA A 424 12.27 21.15 11.36
N HIS A 425 12.09 21.66 12.58
CA HIS A 425 10.76 22.07 13.01
C HIS A 425 10.23 23.18 12.13
N CYS A 426 11.04 24.24 11.95
CA CYS A 426 10.61 25.37 11.15
C CYS A 426 10.14 24.91 9.76
N TYR A 427 10.85 23.95 9.17
CA TYR A 427 10.45 23.40 7.89
C TYR A 427 9.12 22.66 7.99
N SER A 428 9.01 21.79 8.99
CA SER A 428 7.81 20.96 9.09
C SER A 428 6.54 21.81 9.14
N ASP A 429 6.59 22.96 9.81
CA ASP A 429 5.43 23.84 9.82
C ASP A 429 4.99 24.18 8.40
N LEU A 430 5.94 24.57 7.55
CA LEU A 430 5.58 24.94 6.19
C LEU A 430 5.07 23.74 5.41
N GLN A 431 5.46 22.52 5.82
CA GLN A 431 4.86 21.34 5.22
C GLN A 431 3.42 21.17 5.69
N MET A 432 3.19 21.34 6.99
CA MET A 432 1.91 20.97 7.58
C MET A 432 0.83 22.03 7.38
N SER A 433 1.19 23.32 7.40
CA SER A 433 0.19 24.38 7.32
C SER A 433 -0.29 24.50 5.87
N VAL A 434 -1.47 23.95 5.60
CA VAL A 434 -2.01 23.92 4.24
C VAL A 434 -2.19 25.31 3.66
N ALA A 435 -2.34 26.34 4.51
CA ALA A 435 -2.37 27.71 4.02
C ALA A 435 -1.13 28.02 3.18
N GLN A 436 0.02 27.46 3.56
CA GLN A 436 1.25 27.71 2.81
C GLN A 436 1.32 26.89 1.54
N ARG A 437 0.54 25.81 1.42
CA ARG A 437 0.34 25.20 0.11
C ARG A 437 -0.45 26.15 -0.78
N GLU A 438 -1.58 26.65 -0.26
CA GLU A 438 -2.54 27.33 -1.13
C GLU A 438 -2.10 28.74 -1.49
N THR A 439 -1.46 29.48 -0.58
CA THR A 439 -1.06 30.83 -0.94
C THR A 439 -0.19 30.85 -2.17
N CYS A 440 0.74 29.89 -2.29
CA CYS A 440 1.50 29.77 -3.52
C CYS A 440 0.62 29.34 -4.67
N ILE A 441 -0.23 28.33 -4.46
CA ILE A 441 -1.10 27.85 -5.53
C ILE A 441 -1.97 28.98 -6.04
N GLY A 442 -2.32 29.94 -5.18
CA GLY A 442 -3.05 31.10 -5.65
C GLY A 442 -2.16 32.11 -6.34
N MET A 443 -0.90 32.22 -5.89
CA MET A 443 -0.01 33.24 -6.42
C MET A 443 0.55 32.85 -7.78
N CYS A 444 0.85 31.57 -7.98
CA CYS A 444 1.51 31.13 -9.22
C CYS A 444 0.48 30.91 -10.32
N LYS A 445 0.67 31.60 -11.45
CA LYS A 445 -0.26 31.47 -12.57
C LYS A 445 0.02 30.19 -13.37
N GLU A 446 -1.02 29.71 -14.04
CA GLU A 446 -0.88 28.56 -14.93
C GLU A 446 0.00 28.92 -16.11
N SER A 447 0.74 27.95 -16.61
CA SER A 447 1.56 28.18 -17.79
C SER A 447 0.73 28.06 -19.05
N CYS A 448 0.83 29.07 -19.91
CA CYS A 448 0.34 28.91 -21.27
C CYS A 448 1.28 27.97 -22.03
N ASN A 449 0.95 27.72 -23.30
CA ASN A 449 1.74 26.82 -24.14
C ASN A 449 2.01 25.49 -23.45
N ASP A 450 0.92 24.84 -23.05
CA ASP A 450 1.01 23.53 -22.41
C ASP A 450 1.48 22.48 -23.41
N THR A 451 2.38 21.60 -22.96
CA THR A 451 2.86 20.47 -23.75
C THR A 451 2.92 19.24 -22.86
N GLN A 452 2.33 18.14 -23.32
CA GLN A 452 2.28 16.92 -22.55
C GLN A 452 2.72 15.75 -23.42
N TYR A 453 3.54 14.87 -22.86
CA TYR A 453 4.00 13.68 -23.56
C TYR A 453 3.28 12.47 -23.01
N LYS A 454 2.22 12.04 -23.70
CA LYS A 454 1.56 10.80 -23.34
C LYS A 454 2.51 9.64 -23.57
N MET A 455 2.44 8.65 -22.69
CA MET A 455 3.34 7.51 -22.75
C MET A 455 2.56 6.21 -22.65
N THR A 456 2.93 5.23 -23.47
CA THR A 456 2.48 3.87 -23.30
C THR A 456 3.70 3.01 -23.02
N ILE A 457 3.69 2.31 -21.89
CA ILE A 457 4.86 1.62 -21.36
C ILE A 457 4.66 0.11 -21.52
N SER A 458 5.72 -0.57 -21.93
CA SER A 458 5.67 -2.00 -22.20
C SER A 458 7.01 -2.63 -21.87
N MET A 459 7.02 -3.92 -21.54
CA MET A 459 8.22 -4.56 -21.02
C MET A 459 8.39 -5.98 -21.57
N ALA A 460 9.64 -6.44 -21.50
CA ALA A 460 9.99 -7.84 -21.70
C ALA A 460 11.35 -8.07 -21.05
N ASP A 461 11.54 -9.25 -20.46
CA ASP A 461 12.79 -9.53 -19.77
C ASP A 461 13.95 -9.48 -20.76
N TRP A 462 15.11 -9.04 -20.29
CA TRP A 462 16.24 -8.79 -21.18
C TRP A 462 17.54 -8.87 -20.39
N PRO A 463 18.62 -9.40 -21.00
CA PRO A 463 18.67 -10.06 -22.31
C PRO A 463 18.04 -11.43 -22.28
N SER A 464 17.68 -11.95 -23.44
CA SER A 464 17.31 -13.35 -23.57
C SER A 464 18.57 -14.19 -23.78
N GLU A 465 18.42 -15.51 -23.65
CA GLU A 465 19.57 -16.40 -23.77
C GLU A 465 20.29 -16.23 -25.10
N ALA A 466 19.56 -15.84 -26.14
CA ALA A 466 20.16 -15.63 -27.46
C ALA A 466 21.06 -14.40 -27.51
N SER A 467 21.10 -13.60 -26.46
CA SER A 467 21.82 -12.32 -26.47
C SER A 467 22.75 -12.12 -25.29
N GLU A 468 22.49 -12.77 -24.15
CA GLU A 468 23.11 -12.35 -22.90
C GLU A 468 24.64 -12.40 -22.97
N ASP A 469 25.22 -13.60 -23.05
CA ASP A 469 26.66 -13.74 -22.84
C ASP A 469 27.46 -12.83 -23.78
N TRP A 470 27.13 -12.82 -25.06
CA TRP A 470 28.00 -12.08 -25.98
C TRP A 470 27.77 -10.57 -25.90
N ILE A 471 26.53 -10.12 -25.68
CA ILE A 471 26.32 -8.70 -25.46
C ILE A 471 27.02 -8.27 -24.16
N PHE A 472 26.81 -9.03 -23.08
CA PHE A 472 27.48 -8.69 -21.85
C PHE A 472 28.99 -8.81 -21.96
N HIS A 473 29.51 -9.62 -22.89
CA HIS A 473 30.94 -9.60 -23.13
C HIS A 473 31.34 -8.31 -23.83
N VAL A 474 30.60 -7.92 -24.87
CA VAL A 474 30.85 -6.63 -25.50
C VAL A 474 30.81 -5.53 -24.45
N LEU A 475 29.74 -5.50 -23.66
CA LEU A 475 29.64 -4.49 -22.61
C LEU A 475 30.68 -4.71 -21.53
N SER A 476 31.11 -5.95 -21.30
CA SER A 476 32.23 -6.17 -20.40
C SER A 476 33.47 -5.42 -20.90
N GLN A 477 33.71 -5.46 -22.22
CA GLN A 477 34.83 -4.72 -22.77
C GLN A 477 34.58 -3.21 -22.75
N GLU A 478 33.33 -2.77 -22.62
CA GLU A 478 33.09 -1.37 -22.33
C GLU A 478 33.48 -1.06 -20.89
N ARG A 479 33.04 -1.89 -19.93
CA ARG A 479 33.41 -1.68 -18.54
C ARG A 479 34.88 -1.98 -18.30
N ASP A 480 35.53 -2.70 -19.20
CA ASP A 480 36.97 -2.94 -19.12
C ASP A 480 37.78 -1.67 -19.32
N GLN A 481 37.18 -0.59 -19.84
CA GLN A 481 37.87 0.68 -19.97
C GLN A 481 38.01 1.41 -18.64
N SER A 482 37.46 0.85 -17.56
CA SER A 482 37.64 1.40 -16.23
C SER A 482 39.07 1.18 -15.73
N THR A 483 39.54 2.10 -14.89
CA THR A 483 40.89 1.99 -14.33
C THR A 483 41.13 0.61 -13.76
N ASN A 484 40.11 0.02 -13.13
CA ASN A 484 40.06 -1.41 -12.85
C ASN A 484 38.65 -1.89 -13.16
N ILE A 485 38.55 -3.06 -13.81
CA ILE A 485 37.27 -3.52 -14.32
C ILE A 485 36.36 -3.92 -13.17
N THR A 486 35.05 -3.71 -13.36
CA THR A 486 34.02 -4.19 -12.44
C THR A 486 32.78 -4.51 -13.26
N LEU A 487 32.04 -5.54 -12.84
CA LEU A 487 31.00 -6.14 -13.66
C LEU A 487 29.81 -6.57 -12.82
N SER A 488 28.64 -6.58 -13.45
CA SER A 488 27.47 -7.26 -12.88
C SER A 488 26.41 -7.40 -13.97
N ARG A 489 25.55 -8.40 -13.79
CA ARG A 489 24.46 -8.66 -14.72
C ARG A 489 23.10 -8.23 -14.17
N LYS A 490 22.92 -8.26 -12.86
CA LYS A 490 21.65 -7.84 -12.27
C LYS A 490 21.35 -6.37 -12.50
N GLY A 491 22.36 -5.57 -12.84
CA GLY A 491 22.20 -4.13 -12.78
C GLY A 491 21.89 -3.40 -14.07
N ILE A 492 21.50 -4.06 -15.15
CA ILE A 492 21.40 -3.39 -16.44
C ILE A 492 19.94 -3.21 -16.86
N VAL A 493 19.62 -1.99 -17.25
CA VAL A 493 18.32 -1.59 -17.81
C VAL A 493 18.52 -1.30 -19.28
N LYS A 494 17.52 -1.64 -20.10
CA LYS A 494 17.51 -1.27 -21.50
C LYS A 494 16.24 -0.49 -21.80
N LEU A 495 16.38 0.63 -22.51
CA LEU A 495 15.27 1.51 -22.82
C LEU A 495 15.14 1.70 -24.32
N ASN A 496 13.90 1.78 -24.78
CA ASN A 496 13.56 2.28 -26.11
C ASN A 496 12.52 3.37 -25.94
N ILE A 497 12.79 4.54 -26.50
CA ILE A 497 11.88 5.68 -26.39
C ILE A 497 11.67 6.24 -27.78
N TYR A 498 10.43 6.20 -28.26
CA TYR A 498 10.16 6.48 -29.66
C TYR A 498 8.74 7.00 -29.83
N PHE A 499 8.51 7.69 -30.95
CA PHE A 499 7.18 8.19 -31.27
C PHE A 499 6.27 7.07 -31.76
N GLN A 500 4.98 7.22 -31.50
CA GLN A 500 3.99 6.29 -32.03
C GLN A 500 3.57 6.68 -33.45
N GLU A 501 2.84 5.77 -34.11
CA GLU A 501 2.57 5.91 -35.53
C GLU A 501 1.84 7.20 -35.86
N PHE A 502 1.00 7.70 -34.95
CA PHE A 502 0.62 9.10 -34.92
C PHE A 502 1.36 9.72 -33.76
N ASN A 503 1.96 10.89 -33.97
CA ASN A 503 2.80 11.48 -32.94
C ASN A 503 2.36 12.87 -32.47
N TYR A 504 1.32 13.47 -33.05
CA TYR A 504 0.86 14.77 -32.57
C TYR A 504 -0.66 14.86 -32.54
N ARG A 505 -1.18 15.61 -31.54
CA ARG A 505 -2.60 15.93 -31.38
C ARG A 505 -2.70 17.38 -30.88
N THR A 506 -2.67 18.33 -31.80
CA THR A 506 -2.80 19.73 -31.43
C THR A 506 -4.25 20.05 -31.08
N ILE A 507 -4.46 20.83 -30.02
CA ILE A 507 -5.78 21.32 -29.63
C ILE A 507 -5.63 22.77 -29.18
N GLU A 508 -6.76 23.48 -29.11
CA GLU A 508 -6.73 24.93 -28.96
C GLU A 508 -7.95 25.46 -28.20
N GLU A 509 -7.73 26.49 -27.38
CA GLU A 509 -8.77 27.34 -26.82
C GLU A 509 -8.41 28.79 -27.10
N SER A 510 -9.25 29.49 -27.88
CA SER A 510 -8.95 30.85 -28.30
C SER A 510 -10.19 31.73 -28.26
N ALA A 511 -10.02 32.98 -27.85
CA ALA A 511 -11.12 33.93 -27.84
C ALA A 511 -11.36 34.47 -29.25
N ALA A 512 -12.61 34.87 -29.50
CA ALA A 512 -12.99 35.36 -30.82
C ALA A 512 -14.06 36.45 -30.71
N UNK B 1 -1.46 -13.46 30.58
CA UNK B 1 -0.99 -12.13 31.08
C UNK B 1 0.30 -12.30 31.87
N UNK B 2 0.94 -11.17 32.18
CA UNK B 2 2.19 -11.19 32.91
C UNK B 2 1.99 -11.63 34.34
N UNK B 3 2.88 -12.49 34.83
CA UNK B 3 2.81 -12.95 36.21
C UNK B 3 3.31 -11.84 37.14
N UNK B 4 3.15 -12.05 38.43
CA UNK B 4 3.65 -11.09 39.41
C UNK B 4 3.85 -11.79 40.75
N UNK B 5 4.82 -11.34 41.54
CA UNK B 5 5.10 -11.94 42.84
C UNK B 5 5.37 -10.88 43.89
N UNK B 6 4.48 -10.74 44.85
CA UNK B 6 4.59 -9.71 45.88
C UNK B 6 5.34 -10.19 47.11
N UNK B 7 5.86 -9.26 47.90
CA UNK B 7 6.55 -9.59 49.13
C UNK B 7 5.59 -10.20 50.14
N UNK B 8 6.13 -10.70 51.24
CA UNK B 8 5.33 -11.39 52.25
C UNK B 8 4.60 -10.44 53.20
N UNK B 9 3.86 -11.02 54.14
CA UNK B 9 3.12 -10.25 55.13
C UNK B 9 4.04 -9.36 55.95
N UNK B 10 3.46 -8.34 56.58
CA UNK B 10 4.24 -7.44 57.44
C UNK B 10 3.40 -6.99 58.62
N UNK B 11 4.05 -6.59 59.71
CA UNK B 11 3.33 -6.22 60.93
C UNK B 11 4.06 -5.15 61.73
N UNK B 12 4.49 -4.09 61.06
CA UNK B 12 5.21 -3.01 61.71
C UNK B 12 4.31 -2.17 62.62
N UNK B 13 4.92 -1.43 63.56
CA UNK B 13 4.19 -0.54 64.44
C UNK B 13 3.66 0.67 63.67
N UNK B 14 2.68 1.36 64.25
CA UNK B 14 2.03 2.48 63.58
C UNK B 14 3.04 3.54 63.13
N UNK B 15 3.04 3.84 61.84
CA UNK B 15 3.98 4.82 61.28
C UNK B 15 3.43 6.23 61.41
N UNK B 16 7.32 3.54 58.30
CA UNK B 16 6.49 3.30 57.12
C UNK B 16 6.80 1.95 56.51
N UNK B 17 5.80 1.33 55.89
CA UNK B 17 5.95 0.03 55.25
C UNK B 17 6.59 0.18 53.86
N UNK B 18 7.04 -0.93 53.30
CA UNK B 18 7.68 -0.91 51.99
C UNK B 18 7.35 -2.16 51.18
N UNK B 19 6.07 -2.46 51.03
CA UNK B 19 5.63 -3.61 50.26
C UNK B 19 6.07 -3.48 48.81
N UNK B 20 6.42 -4.59 48.17
CA UNK B 20 6.96 -4.55 46.81
C UNK B 20 6.62 -5.79 46.02
N UNK B 21 6.69 -5.69 44.70
CA UNK B 21 6.30 -6.79 43.82
C UNK B 21 7.10 -6.81 42.53
N UNK B 22 7.66 -7.97 42.19
CA UNK B 22 8.39 -8.12 40.94
C UNK B 22 7.44 -8.58 39.85
N UNK B 23 7.76 -8.25 38.61
CA UNK B 23 6.94 -8.66 37.48
C UNK B 23 7.66 -9.69 36.64
N UNK B 24 6.93 -10.32 35.72
CA UNK B 24 7.52 -11.28 34.81
C UNK B 24 6.72 -11.38 33.53
N UNK B 25 7.40 -11.61 32.42
CA UNK B 25 6.75 -11.76 31.13
C UNK B 25 5.96 -10.52 30.73
N UNK B 26 6.54 -9.35 30.98
CA UNK B 26 5.94 -8.11 30.51
C UNK B 26 5.81 -8.16 28.99
N UNK B 27 4.59 -8.06 28.49
CA UNK B 27 4.32 -8.23 27.05
C UNK B 27 4.89 -7.12 26.18
N UNK B 28 5.53 -6.14 26.80
CA UNK B 28 6.21 -5.09 26.07
C UNK B 28 6.91 -4.21 27.11
N UNK B 29 7.92 -3.46 26.70
CA UNK B 29 8.73 -2.71 27.66
C UNK B 29 7.90 -1.78 28.55
N UNK B 30 6.65 -1.51 28.16
CA UNK B 30 5.75 -0.70 28.97
C UNK B 30 4.81 -1.56 29.81
N UNK B 31 5.27 -1.99 30.98
CA UNK B 31 4.43 -2.73 31.92
C UNK B 31 3.40 -1.78 32.53
N UNK B 32 2.77 -2.15 33.63
CA UNK B 32 1.81 -1.25 34.28
C UNK B 32 1.39 -1.65 35.69
N UNK B 33 2.35 -2.04 36.53
CA UNK B 33 2.03 -2.50 37.88
C UNK B 33 1.20 -1.48 38.66
N UNK B 34 -0.02 -1.86 39.06
CA UNK B 34 -0.91 -0.97 39.81
C UNK B 34 -0.72 -1.15 41.31
N UNK B 35 -1.80 -0.98 42.08
CA UNK B 35 -1.75 -1.27 43.50
C UNK B 35 -3.10 -1.05 44.19
N UNK B 36 -4.04 -1.96 43.94
CA UNK B 36 -5.36 -1.90 44.56
C UNK B 36 -5.26 -2.25 46.03
N UNK B 37 -6.18 -1.76 46.85
CA UNK B 37 -6.05 -1.93 48.30
C UNK B 37 -7.34 -2.33 48.99
N UNK B 38 -7.75 -3.57 48.82
CA UNK B 38 -8.97 -4.09 49.47
C UNK B 38 -8.78 -4.29 50.96
N UNK B 39 -9.51 -3.53 51.77
CA UNK B 39 -9.48 -3.70 53.21
C UNK B 39 -10.28 -4.93 53.59
N UNK B 40 -10.40 -5.18 54.89
CA UNK B 40 -11.20 -6.28 55.38
C UNK B 40 -12.68 -6.02 55.07
N UNK B 41 -13.24 -6.84 54.20
CA UNK B 41 -14.66 -6.75 53.83
C UNK B 41 -15.03 -5.46 53.10
N UNK B 42 -14.05 -4.70 52.65
CA UNK B 42 -14.33 -3.46 51.93
C UNK B 42 -14.28 -3.68 50.42
N UNK B 43 -14.32 -2.60 49.68
CA UNK B 43 -14.24 -2.65 48.22
C UNK B 43 -12.81 -2.45 47.74
N UNK B 44 -12.52 -2.91 46.53
CA UNK B 44 -11.19 -2.77 45.96
C UNK B 44 -10.94 -1.36 45.42
N UNK B 45 -10.40 -0.48 46.26
CA UNK B 45 -10.03 0.88 45.86
C UNK B 45 -8.75 0.93 45.03
N UNK B 46 -8.73 1.70 43.95
CA UNK B 46 -7.61 1.69 42.99
C UNK B 46 -6.48 2.64 43.33
N UNK B 47 -5.97 2.53 44.55
CA UNK B 47 -5.00 3.49 45.08
C UNK B 47 -3.62 3.47 44.44
N UNK B 48 -3.53 3.51 43.10
CA UNK B 48 -2.25 3.74 42.43
C UNK B 48 -2.29 3.48 40.93
N UNK B 49 -1.14 3.58 40.28
CA UNK B 49 -0.98 3.20 38.87
C UNK B 49 0.44 3.46 38.39
N UNK B 50 1.45 3.09 39.17
CA UNK B 50 2.84 3.48 38.89
C UNK B 50 3.59 2.67 37.83
N UNK B 51 3.24 2.87 36.56
CA UNK B 51 3.92 2.16 35.47
C UNK B 51 5.42 2.26 35.60
N UNK B 52 6.11 1.13 35.43
CA UNK B 52 7.52 1.03 35.78
C UNK B 52 8.50 1.68 34.81
N UNK B 53 8.29 1.52 33.51
CA UNK B 53 9.30 1.92 32.51
C UNK B 53 9.70 3.38 32.65
N UNK B 54 8.76 4.29 32.45
CA UNK B 54 9.03 5.72 32.53
C UNK B 54 8.95 6.23 33.96
N UNK B 55 8.65 5.35 34.90
CA UNK B 55 8.57 5.71 36.31
C UNK B 55 7.52 6.78 36.62
N UNK B 56 6.43 6.83 35.86
CA UNK B 56 5.33 7.75 36.16
C UNK B 56 4.54 7.24 37.36
N UNK B 57 3.61 8.03 37.88
CA UNK B 57 2.84 7.62 39.05
C UNK B 57 1.54 8.39 39.23
N UNK B 58 0.49 7.97 38.54
CA UNK B 58 -0.80 8.67 38.58
C UNK B 58 -1.62 8.40 39.83
N UNK B 59 -1.00 8.55 41.01
CA UNK B 59 -1.63 8.18 42.27
C UNK B 59 -3.02 8.80 42.49
N UNK B 60 -3.99 7.98 42.92
CA UNK B 60 -5.33 8.49 43.23
C UNK B 60 -5.31 9.28 44.52
N UNK B 61 -5.92 10.45 44.49
CA UNK B 61 -5.78 11.43 45.58
C UNK B 61 -6.25 10.90 46.94
N UNK B 62 -7.24 10.03 46.95
CA UNK B 62 -7.82 9.56 48.21
C UNK B 62 -6.78 8.99 49.17
N UNK B 63 -5.65 8.53 48.63
CA UNK B 63 -4.61 7.93 49.44
C UNK B 63 -3.26 8.59 49.20
N UNK B 64 -3.29 9.84 48.76
CA UNK B 64 -2.07 10.56 48.39
C UNK B 64 -1.04 10.66 49.50
N UNK B 65 -1.46 10.42 50.74
CA UNK B 65 -0.56 10.50 51.89
C UNK B 65 0.45 9.36 51.91
N UNK B 66 0.19 8.29 51.17
CA UNK B 66 1.10 7.16 51.11
C UNK B 66 1.33 6.70 49.68
N UNK B 67 1.14 7.60 48.72
CA UNK B 67 1.25 7.25 47.30
C UNK B 67 2.68 7.16 46.79
N UNK B 68 3.61 6.84 47.69
CA UNK B 68 5.02 6.83 47.36
C UNK B 68 5.42 5.60 46.53
N UNK B 69 4.75 5.41 45.40
CA UNK B 69 5.10 4.32 44.51
C UNK B 69 6.46 4.60 43.85
N UNK B 70 7.22 3.56 43.54
CA UNK B 70 8.52 3.72 42.90
C UNK B 70 8.93 2.44 42.18
N UNK B 71 9.99 2.51 41.38
CA UNK B 71 10.40 1.35 40.60
C UNK B 71 11.87 1.35 40.20
N UNK B 72 12.33 0.23 39.66
CA UNK B 72 13.67 0.11 39.12
C UNK B 72 13.64 -0.77 37.87
N UNK B 73 13.62 -0.14 36.71
CA UNK B 73 13.38 -0.82 35.45
C UNK B 73 14.22 -2.09 35.30
N UNK B 74 15.51 -1.97 35.57
CA UNK B 74 16.42 -3.10 35.39
C UNK B 74 16.03 -4.27 36.28
N UNK B 75 15.42 -3.97 37.42
CA UNK B 75 14.99 -5.01 38.35
C UNK B 75 13.61 -5.55 37.96
N UNK B 76 12.96 -4.89 37.03
CA UNK B 76 11.60 -5.24 36.63
C UNK B 76 10.69 -5.36 37.85
N UNK B 77 10.89 -4.50 38.82
CA UNK B 77 10.16 -4.58 40.08
C UNK B 77 9.70 -3.22 40.58
N UNK B 78 8.62 -3.20 41.34
CA UNK B 78 8.06 -1.95 41.86
C UNK B 78 7.91 -2.02 43.37
N UNK B 79 7.77 -0.86 44.01
CA UNK B 79 7.65 -0.81 45.45
C UNK B 79 6.75 0.34 45.89
N UNK B 80 6.23 0.28 47.11
CA UNK B 80 5.36 1.33 47.62
C UNK B 80 5.72 1.68 49.05
N UNK B 81 6.09 2.94 49.29
CA UNK B 81 6.37 3.41 50.63
C UNK B 81 5.07 3.82 51.31
N UNK B 82 4.65 3.04 52.30
CA UNK B 82 3.39 3.31 52.99
C UNK B 82 3.58 4.34 54.10
N UNK B 83 3.78 5.59 53.70
CA UNK B 83 3.95 6.68 54.66
C UNK B 83 2.70 6.91 55.50
N UNK B 84 2.89 7.44 56.70
CA UNK B 84 1.79 7.78 57.59
C UNK B 84 0.87 6.59 57.86
N UNK B 85 1.47 5.41 58.02
CA UNK B 85 0.70 4.18 58.18
C UNK B 85 0.05 4.06 59.56
N UNK B 86 -1.12 4.66 59.73
CA UNK B 86 -1.90 4.47 60.95
C UNK B 86 -2.64 3.14 60.92
N UNK B 87 -3.08 2.67 62.09
CA UNK B 87 -3.70 1.36 62.22
C UNK B 87 -4.90 1.16 61.30
N UNK B 88 -5.69 2.21 61.11
CA UNK B 88 -6.88 2.12 60.27
C UNK B 88 -6.52 1.75 58.83
N UNK B 89 -5.27 1.93 58.45
CA UNK B 89 -4.84 1.68 57.08
C UNK B 89 -4.45 0.22 56.83
N UNK B 90 -4.63 -0.64 57.82
CA UNK B 90 -4.25 -2.05 57.70
C UNK B 90 -5.17 -2.83 56.76
N UNK B 91 -4.60 -3.43 55.72
CA UNK B 91 -5.39 -4.09 54.69
C UNK B 91 -4.56 -5.03 53.84
N UNK B 92 -5.18 -5.65 52.84
CA UNK B 92 -4.49 -6.62 52.00
C UNK B 92 -4.07 -6.03 50.67
N UNK B 93 -3.16 -5.06 50.69
CA UNK B 93 -2.70 -4.40 49.46
C UNK B 93 -2.25 -5.41 48.41
N UNK B 94 -2.84 -5.35 47.21
CA UNK B 94 -2.62 -6.37 46.19
C UNK B 94 -1.99 -5.81 44.93
N UNK B 95 -0.79 -6.26 44.60
CA UNK B 95 -0.01 -5.67 43.52
C UNK B 95 -0.45 -6.09 42.13
N UNK B 96 -1.73 -5.95 41.83
CA UNK B 96 -2.25 -6.40 40.54
C UNK B 96 -1.75 -5.56 39.38
N UNK B 97 -1.73 -6.16 38.20
CA UNK B 97 -1.10 -5.54 37.03
C UNK B 97 -1.96 -5.61 35.79
N UNK B 98 -1.31 -5.52 34.64
CA UNK B 98 -1.99 -5.68 33.37
C UNK B 98 -0.97 -5.68 32.25
N UNK B 99 -1.41 -5.92 31.02
CA UNK B 99 -0.54 -5.69 29.87
C UNK B 99 -0.67 -4.24 29.47
N UNK B 100 -0.99 -3.40 30.45
CA UNK B 100 -1.14 -1.97 30.28
C UNK B 100 -2.50 -1.58 29.69
N UNK B 101 -3.23 -2.51 29.11
CA UNK B 101 -4.61 -2.21 28.76
C UNK B 101 -5.29 -1.92 30.09
N UNK B 102 -6.27 -1.03 30.12
CA UNK B 102 -6.86 -0.63 31.39
C UNK B 102 -7.58 -1.79 32.06
N UNK B 103 -7.98 -2.78 31.28
CA UNK B 103 -8.64 -3.96 31.82
C UNK B 103 -7.66 -4.76 32.69
N UNK B 104 -7.53 -4.38 33.96
CA UNK B 104 -6.51 -4.95 34.84
C UNK B 104 -6.69 -6.45 35.08
N UNK B 105 -6.25 -7.25 34.12
CA UNK B 105 -6.42 -8.70 34.19
C UNK B 105 -5.56 -9.40 35.23
N UNK B 106 -4.31 -9.68 34.88
CA UNK B 106 -3.45 -10.54 35.67
C UNK B 106 -3.13 -10.00 37.06
N UNK B 107 -3.93 -10.32 38.06
CA UNK B 107 -3.65 -9.88 39.44
C UNK B 107 -2.51 -10.69 40.02
N UNK B 108 -2.29 -10.60 41.33
CA UNK B 108 -1.16 -11.29 41.97
C UNK B 108 -1.45 -11.64 43.42
N UNK B 109 -0.48 -12.25 44.10
CA UNK B 109 -0.71 -12.89 45.40
C UNK B 109 -1.10 -11.95 46.55
N UNK B 110 -0.60 -10.73 46.55
CA UNK B 110 -0.98 -9.74 47.56
C UNK B 110 -0.40 -10.01 48.94
N UNK B 111 -0.27 -8.95 49.74
CA UNK B 111 0.38 -9.04 51.04
C UNK B 111 -0.33 -8.25 52.13
N UNK B 112 -0.77 -8.94 53.18
CA UNK B 112 -1.47 -8.29 54.29
C UNK B 112 -0.53 -7.42 55.13
N UNK B 113 -0.87 -6.16 55.29
CA UNK B 113 -0.08 -5.26 56.12
C UNK B 113 -0.87 -4.87 57.36
N UNK B 114 -0.41 -5.34 58.52
CA UNK B 114 -1.12 -5.08 59.77
C UNK B 114 -0.78 -3.71 60.35
N UNK B 115 -1.44 -3.35 61.45
CA UNK B 115 -1.16 -2.11 62.14
C UNK B 115 0.14 -2.23 62.92
N THR C 80 -27.67 15.97 -35.83
CA THR C 80 -26.25 15.49 -35.93
C THR C 80 -25.34 16.34 -35.03
N VAL C 81 -24.11 15.88 -34.79
CA VAL C 81 -23.31 16.36 -33.65
C VAL C 81 -21.87 16.66 -34.07
N SER C 82 -21.14 17.29 -33.13
CA SER C 82 -19.73 17.66 -33.29
C SER C 82 -19.03 17.53 -31.94
N VAL C 83 -17.70 17.46 -31.96
CA VAL C 83 -16.91 17.05 -30.79
C VAL C 83 -15.93 18.13 -30.35
N SER C 84 -15.49 18.04 -29.08
CA SER C 84 -14.57 19.01 -28.48
C SER C 84 -13.85 18.40 -27.27
N ILE C 85 -12.78 19.07 -26.83
CA ILE C 85 -11.95 18.64 -25.69
C ILE C 85 -11.64 19.86 -24.82
N LYS C 86 -11.74 19.70 -23.49
CA LYS C 86 -11.51 20.81 -22.57
C LYS C 86 -11.13 20.28 -21.19
N VAL C 87 -10.50 21.15 -20.38
CA VAL C 87 -9.85 20.71 -19.14
C VAL C 87 -9.68 21.89 -18.18
N HIS C 88 -9.62 21.59 -16.88
CA HIS C 88 -9.33 22.59 -15.85
C HIS C 88 -8.61 21.96 -14.66
N PHE C 89 -8.14 22.81 -13.74
CA PHE C 89 -7.07 22.49 -12.80
C PHE C 89 -7.50 22.61 -11.33
N ARG C 90 -8.71 22.17 -10.99
CA ARG C 90 -9.15 22.21 -9.59
C ARG C 90 -8.54 21.05 -8.79
N LYS C 91 -8.36 21.27 -7.48
CA LYS C 91 -8.07 20.14 -6.60
C LYS C 91 -9.23 19.16 -6.63
N LEU C 92 -8.91 17.87 -6.60
CA LEU C 92 -9.75 16.86 -7.25
C LEU C 92 -10.03 15.66 -6.34
N ASP C 93 -11.17 15.01 -6.58
CA ASP C 93 -11.54 13.82 -5.82
C ASP C 93 -10.85 12.57 -6.37
N PHE C 94 -10.64 11.62 -5.50
CA PHE C 94 -9.88 10.40 -5.73
C PHE C 94 -10.81 9.24 -6.07
N PRO C 95 -10.39 8.30 -6.92
CA PRO C 95 -11.28 7.21 -7.30
C PRO C 95 -11.41 6.17 -6.20
N ALA C 96 -12.29 5.21 -6.45
CA ALA C 96 -12.37 4.02 -5.61
C ALA C 96 -11.39 2.98 -6.12
N VAL C 97 -10.62 2.42 -5.20
CA VAL C 97 -9.56 1.47 -5.52
C VAL C 97 -9.91 0.12 -4.92
N THR C 98 -10.07 -0.88 -5.77
CA THR C 98 -10.31 -2.24 -5.31
C THR C 98 -9.03 -3.05 -5.42
N ILE C 99 -8.79 -3.91 -4.44
CA ILE C 99 -7.62 -4.77 -4.40
C ILE C 99 -8.07 -6.19 -4.17
N CYS C 100 -7.43 -7.15 -4.84
CA CYS C 100 -7.76 -8.56 -4.69
C CYS C 100 -6.49 -9.39 -4.81
N ASN C 101 -6.34 -10.36 -3.91
CA ASN C 101 -5.32 -11.37 -4.11
C ASN C 101 -5.73 -12.25 -5.29
N ILE C 102 -4.79 -12.51 -6.19
CA ILE C 102 -5.14 -13.34 -7.35
C ILE C 102 -5.53 -14.73 -6.89
N ASN C 103 -4.93 -15.20 -5.81
CA ASN C 103 -5.27 -16.50 -5.24
C ASN C 103 -6.55 -16.39 -4.43
N PRO C 104 -7.66 -16.98 -4.85
CA PRO C 104 -8.94 -16.66 -4.20
C PRO C 104 -9.03 -17.09 -2.74
N TYR C 105 -8.48 -18.23 -2.36
CA TYR C 105 -8.64 -18.75 -1.02
C TYR C 105 -7.34 -19.37 -0.54
N LYS C 106 -7.07 -19.24 0.76
CA LYS C 106 -5.92 -19.91 1.35
C LYS C 106 -6.04 -21.41 1.08
N TYR C 107 -5.12 -21.93 0.27
CA TYR C 107 -5.19 -23.32 -0.17
C TYR C 107 -5.45 -24.25 1.01
N SER C 108 -4.67 -24.13 2.08
CA SER C 108 -4.83 -25.02 3.22
C SER C 108 -6.22 -24.98 3.81
N THR C 109 -6.94 -23.86 3.66
CA THR C 109 -8.26 -23.74 4.25
C THR C 109 -9.35 -24.33 3.35
N VAL C 110 -9.11 -24.44 2.06
CA VAL C 110 -10.04 -25.12 1.17
C VAL C 110 -9.67 -26.58 0.93
N ARG C 111 -8.44 -26.97 1.23
CA ARG C 111 -7.94 -28.28 0.81
C ARG C 111 -8.93 -29.39 1.13
N HIS C 112 -9.48 -29.40 2.34
CA HIS C 112 -10.35 -30.50 2.75
C HIS C 112 -11.60 -30.60 1.88
N LEU C 113 -12.03 -29.52 1.25
CA LEU C 113 -13.13 -29.63 0.29
C LEU C 113 -12.67 -30.23 -1.02
N LEU C 114 -11.44 -29.93 -1.42
CA LEU C 114 -10.97 -30.23 -2.76
C LEU C 114 -10.11 -31.47 -2.84
N ALA C 115 -9.61 -31.97 -1.71
CA ALA C 115 -8.61 -33.03 -1.73
C ALA C 115 -8.99 -34.15 -2.69
N ASP C 116 -10.24 -34.59 -2.66
CA ASP C 116 -10.65 -35.68 -3.53
C ASP C 116 -10.38 -35.34 -4.98
N LEU C 117 -10.70 -34.11 -5.39
CA LEU C 117 -10.42 -33.69 -6.75
C LEU C 117 -8.92 -33.59 -6.99
N GLU C 118 -8.16 -33.18 -5.99
CA GLU C 118 -6.71 -33.14 -6.14
C GLU C 118 -6.11 -34.53 -6.25
N GLN C 119 -6.88 -35.57 -6.00
CA GLN C 119 -6.38 -36.91 -6.30
C GLN C 119 -6.59 -37.24 -7.77
N GLU C 120 -7.81 -37.03 -8.27
CA GLU C 120 -8.08 -37.40 -9.67
C GLU C 120 -7.23 -36.58 -10.62
N THR C 121 -7.07 -35.28 -10.38
CA THR C 121 -6.20 -34.49 -11.23
C THR C 121 -4.81 -35.10 -11.30
N ARG C 122 -4.16 -35.23 -10.15
CA ARG C 122 -2.81 -35.75 -10.16
C ARG C 122 -2.77 -37.14 -10.79
N GLU C 123 -3.78 -37.96 -10.53
CA GLU C 123 -3.85 -39.24 -11.24
C GLU C 123 -3.88 -39.02 -12.74
N ALA C 124 -4.64 -38.02 -13.20
CA ALA C 124 -4.65 -37.74 -14.63
C ALA C 124 -3.27 -37.29 -15.11
N LEU C 125 -2.72 -36.25 -14.48
CA LEU C 125 -1.38 -35.81 -14.88
C LEU C 125 -0.39 -36.97 -14.86
N LYS C 126 -0.49 -37.81 -13.83
CA LYS C 126 0.35 -39.00 -13.73
C LYS C 126 0.15 -39.94 -14.89
N SER C 127 -0.88 -39.72 -15.72
CA SER C 127 -1.07 -40.56 -16.89
C SER C 127 -0.27 -40.09 -18.10
N LEU C 128 0.27 -38.87 -18.07
CA LEU C 128 0.82 -38.31 -19.30
C LEU C 128 2.18 -38.90 -19.65
N TYR C 129 3.17 -38.79 -18.77
CA TYR C 129 4.44 -39.49 -18.99
C TYR C 129 5.02 -39.98 -17.67
N GLY C 130 5.72 -41.11 -17.74
CA GLY C 130 6.57 -41.57 -16.67
C GLY C 130 5.98 -42.61 -15.77
N PHE C 131 4.70 -42.96 -15.93
CA PHE C 131 4.03 -43.84 -14.99
C PHE C 131 2.94 -44.60 -15.72
N PRO C 132 2.54 -45.78 -15.22
CA PRO C 132 1.46 -46.54 -15.86
C PRO C 132 0.10 -45.92 -15.61
N ARG C 153 -14.71 -40.31 -8.62
CA ARG C 153 -16.08 -40.16 -9.10
C ARG C 153 -16.23 -38.98 -10.06
N PHE C 154 -15.45 -37.91 -9.84
CA PHE C 154 -15.61 -36.72 -10.67
C PHE C 154 -15.50 -37.06 -12.14
N SER C 155 -14.46 -37.79 -12.52
CA SER C 155 -14.28 -38.16 -13.92
C SER C 155 -15.55 -38.78 -14.50
N HIS C 156 -16.38 -39.40 -13.67
CA HIS C 156 -17.59 -40.03 -14.18
C HIS C 156 -18.64 -39.01 -14.60
N ARG C 157 -18.56 -37.77 -14.12
CA ARG C 157 -19.53 -36.74 -14.50
C ARG C 157 -19.11 -36.03 -15.77
N ILE C 158 -17.87 -35.58 -15.84
CA ILE C 158 -17.36 -34.81 -16.97
C ILE C 158 -16.18 -35.57 -17.56
N PRO C 159 -16.42 -36.65 -18.30
CA PRO C 159 -15.34 -37.59 -18.61
C PRO C 159 -14.32 -36.98 -19.55
N LEU C 160 -13.05 -37.01 -19.13
CA LEU C 160 -11.97 -36.63 -20.02
C LEU C 160 -11.97 -37.56 -21.22
N LEU C 161 -11.56 -37.03 -22.36
CA LEU C 161 -11.55 -37.80 -23.59
C LEU C 161 -10.30 -37.52 -24.40
N ILE C 162 -9.85 -38.53 -25.12
CA ILE C 162 -8.75 -38.41 -26.06
C ILE C 162 -9.33 -38.54 -27.46
N PHE C 163 -8.99 -37.60 -28.33
CA PHE C 163 -9.48 -37.55 -29.70
C PHE C 163 -8.30 -37.77 -30.65
N ASP C 164 -8.39 -38.79 -31.49
CA ASP C 164 -7.47 -38.94 -32.60
C ASP C 164 -7.93 -38.05 -33.73
N GLN C 165 -7.05 -37.15 -34.18
CA GLN C 165 -7.42 -36.30 -35.29
C GLN C 165 -7.57 -37.07 -36.59
N ASP C 166 -7.31 -38.39 -36.58
CA ASP C 166 -7.62 -39.23 -37.73
C ASP C 166 -9.13 -39.32 -37.97
N GLU C 167 -9.95 -39.04 -36.97
CA GLU C 167 -11.37 -39.30 -37.06
C GLU C 167 -12.15 -38.19 -36.38
N LYS C 168 -13.43 -38.06 -36.76
CA LYS C 168 -14.36 -37.14 -36.13
C LYS C 168 -15.61 -37.90 -35.72
N GLY C 169 -16.23 -37.44 -34.64
CA GLY C 169 -17.26 -38.24 -33.99
C GLY C 169 -16.73 -39.47 -33.31
N LYS C 170 -15.41 -39.59 -33.17
CA LYS C 170 -14.75 -40.75 -32.56
C LYS C 170 -13.88 -40.27 -31.42
N ALA C 171 -14.15 -40.77 -30.22
CA ALA C 171 -13.45 -40.33 -29.03
C ALA C 171 -13.38 -41.48 -28.03
N ARG C 172 -12.40 -41.40 -27.14
CA ARG C 172 -12.02 -42.54 -26.31
C ARG C 172 -11.69 -42.08 -24.90
N ASP C 173 -12.07 -42.89 -23.92
CA ASP C 173 -11.83 -42.54 -22.51
C ASP C 173 -10.36 -42.29 -22.23
N PHE C 174 -10.08 -41.18 -21.56
CA PHE C 174 -8.70 -40.79 -21.27
C PHE C 174 -7.98 -41.82 -20.42
N PHE C 175 -8.72 -42.59 -19.64
CA PHE C 175 -8.11 -43.63 -18.82
C PHE C 175 -8.20 -45.02 -19.48
N THR C 176 -8.61 -45.07 -20.74
CA THR C 176 -8.60 -46.35 -21.45
C THR C 176 -7.32 -46.48 -22.27
N GLY C 177 -7.27 -47.45 -23.18
CA GLY C 177 -6.03 -47.73 -23.89
C GLY C 177 -5.72 -46.68 -24.94
N ARG C 178 -4.43 -46.50 -25.22
CA ARG C 178 -3.96 -45.52 -26.19
C ARG C 178 -2.55 -45.86 -26.64
N LYS C 179 -2.15 -45.32 -27.79
CA LYS C 179 -0.82 -45.56 -28.33
C LYS C 179 -0.45 -44.49 -29.35
N ARG C 180 0.86 -44.34 -29.57
CA ARG C 180 1.41 -43.41 -30.56
C ARG C 180 0.78 -42.02 -30.48
N SER C 185 2.24 -36.41 -33.75
CA SER C 185 3.27 -37.00 -34.60
C SER C 185 3.15 -36.50 -36.03
N ILE C 186 2.39 -35.42 -36.23
CA ILE C 186 2.26 -34.79 -37.54
C ILE C 186 3.38 -33.77 -37.72
N ILE C 187 4.11 -33.89 -38.83
CA ILE C 187 5.34 -33.14 -39.01
C ILE C 187 5.07 -31.64 -39.16
N HIS C 188 6.11 -30.84 -38.85
CA HIS C 188 6.06 -29.40 -38.99
C HIS C 188 7.49 -28.87 -39.10
N LYS C 189 7.63 -27.67 -39.66
CA LYS C 189 8.94 -27.06 -39.87
C LYS C 189 9.61 -26.74 -38.53
N ASN C 192 16.94 -24.84 -31.75
CA ASN C 192 16.60 -26.05 -32.49
C ASN C 192 15.10 -26.12 -32.78
N VAL C 193 14.72 -26.91 -33.77
CA VAL C 193 13.30 -27.12 -34.08
C VAL C 193 12.70 -28.02 -33.01
N MET C 194 11.69 -27.49 -32.30
CA MET C 194 11.01 -28.24 -31.26
C MET C 194 9.49 -28.10 -31.34
N HIS C 195 8.95 -27.92 -32.55
CA HIS C 195 7.51 -27.82 -32.76
C HIS C 195 7.00 -28.95 -33.64
N ILE C 196 5.93 -29.59 -33.17
CA ILE C 196 5.27 -30.71 -33.84
C ILE C 196 3.82 -30.67 -33.37
N GLU C 197 2.92 -31.25 -34.16
CA GLU C 197 1.51 -31.36 -33.75
C GLU C 197 1.19 -32.80 -33.41
N SER C 198 0.63 -33.01 -32.22
CA SER C 198 0.33 -34.36 -31.76
C SER C 198 -0.93 -34.88 -32.43
N LYS C 199 -0.84 -36.08 -33.01
CA LYS C 199 -2.00 -36.65 -33.68
C LYS C 199 -3.16 -36.83 -32.73
N GLN C 200 -2.89 -37.08 -31.46
CA GLN C 200 -3.93 -37.15 -30.46
C GLN C 200 -4.02 -35.83 -29.72
N VAL C 201 -5.16 -35.58 -29.10
CA VAL C 201 -5.40 -34.36 -28.35
C VAL C 201 -6.39 -34.67 -27.24
N VAL C 202 -6.24 -33.97 -26.13
CA VAL C 202 -7.07 -34.19 -24.94
C VAL C 202 -8.24 -33.21 -24.93
N GLY C 203 -9.38 -33.65 -24.41
CA GLY C 203 -10.54 -32.79 -24.35
C GLY C 203 -11.62 -33.36 -23.46
N PHE C 204 -12.77 -32.69 -23.45
CA PHE C 204 -13.93 -33.20 -22.73
C PHE C 204 -15.18 -32.63 -23.38
N GLN C 205 -16.32 -33.25 -23.06
CA GLN C 205 -17.55 -32.89 -23.76
C GLN C 205 -18.69 -32.72 -22.78
N LEU C 206 -19.76 -32.07 -23.26
CA LEU C 206 -20.93 -31.72 -22.49
C LEU C 206 -22.17 -32.09 -23.31
N CYS C 207 -23.24 -32.52 -22.63
CA CYS C 207 -24.40 -33.04 -23.35
C CYS C 207 -25.69 -32.67 -22.65
N SER C 208 -26.80 -32.82 -23.38
CA SER C 208 -28.14 -32.40 -22.92
C SER C 208 -29.17 -33.48 -23.27
N ASN C 209 -29.58 -34.24 -22.27
CA ASN C 209 -30.67 -35.20 -22.45
C ASN C 209 -31.00 -35.83 -21.11
N ASP C 213 -26.79 -32.85 -29.78
CA ASP C 213 -26.93 -33.58 -28.53
C ASP C 213 -25.80 -33.22 -27.56
N CYS C 214 -24.69 -32.71 -28.10
CA CYS C 214 -23.49 -32.48 -27.28
C CYS C 214 -22.61 -31.41 -27.89
N ALA C 215 -21.67 -30.91 -27.08
CA ALA C 215 -20.65 -29.96 -27.51
C ALA C 215 -19.37 -30.26 -26.73
N THR C 216 -18.23 -29.88 -27.30
CA THR C 216 -16.95 -30.40 -26.82
C THR C 216 -15.92 -29.28 -26.65
N TYR C 217 -14.74 -29.67 -26.19
CA TYR C 217 -13.53 -28.85 -26.21
C TYR C 217 -12.33 -29.75 -26.42
N THR C 218 -11.29 -29.23 -27.05
CA THR C 218 -10.01 -29.95 -27.16
C THR C 218 -8.88 -28.93 -27.13
N PHE C 219 -7.78 -29.31 -26.50
CA PHE C 219 -6.76 -28.34 -26.11
C PHE C 219 -5.40 -28.63 -26.73
N SER C 220 -4.70 -27.57 -27.12
CA SER C 220 -3.42 -27.71 -27.80
C SER C 220 -2.47 -28.60 -27.04
N SER C 221 -2.51 -28.56 -25.71
CA SER C 221 -1.56 -29.31 -24.89
C SER C 221 -2.29 -30.01 -23.76
N GLY C 222 -1.98 -31.30 -23.59
CA GLY C 222 -2.66 -32.07 -22.57
C GLY C 222 -2.76 -31.33 -21.25
N ILE C 223 -1.62 -30.91 -20.70
CA ILE C 223 -1.64 -30.28 -19.38
C ILE C 223 -2.63 -29.13 -19.35
N ASN C 224 -2.82 -28.45 -20.47
CA ASN C 224 -3.78 -27.36 -20.48
C ASN C 224 -5.19 -27.88 -20.31
N ALA C 225 -5.52 -28.99 -20.98
CA ALA C 225 -6.85 -29.57 -20.83
C ALA C 225 -7.15 -29.86 -19.37
N ILE C 226 -6.26 -30.60 -18.71
CA ILE C 226 -6.53 -30.96 -17.33
C ILE C 226 -6.83 -29.72 -16.51
N GLN C 227 -6.02 -28.68 -16.65
CA GLN C 227 -6.20 -27.53 -15.77
C GLN C 227 -7.50 -26.81 -16.06
N GLU C 228 -7.96 -26.81 -17.31
CA GLU C 228 -9.31 -26.34 -17.54
C GLU C 228 -10.32 -27.28 -16.90
N TRP C 229 -10.20 -28.57 -17.20
CA TRP C 229 -11.10 -29.55 -16.60
C TRP C 229 -11.17 -29.39 -15.09
N TYR C 230 -10.02 -29.17 -14.46
CA TYR C 230 -10.05 -28.93 -13.02
C TYR C 230 -10.88 -27.71 -12.69
N LYS C 231 -10.74 -26.65 -13.49
CA LYS C 231 -11.48 -25.44 -13.15
C LYS C 231 -12.97 -25.68 -13.18
N LEU C 232 -13.46 -26.54 -14.08
CA LEU C 232 -14.88 -26.86 -14.05
C LEU C 232 -15.28 -27.45 -12.71
N HIS C 233 -14.66 -28.56 -12.32
CA HIS C 233 -15.06 -29.19 -11.07
C HIS C 233 -14.80 -28.29 -9.88
N TYR C 234 -13.82 -27.40 -9.97
CA TYR C 234 -13.61 -26.43 -8.91
C TYR C 234 -14.86 -25.58 -8.72
N MET C 235 -15.40 -25.04 -9.81
CA MET C 235 -16.64 -24.29 -9.71
C MET C 235 -17.79 -25.20 -9.32
N ASN C 236 -17.91 -26.36 -9.96
CA ASN C 236 -18.95 -27.31 -9.62
C ASN C 236 -18.98 -27.58 -8.12
N ILE C 237 -17.85 -27.42 -7.43
CA ILE C 237 -17.83 -27.56 -5.98
C ILE C 237 -18.17 -26.25 -5.29
N MET C 238 -17.35 -25.22 -5.54
CA MET C 238 -17.49 -23.99 -4.78
C MET C 238 -18.86 -23.34 -4.94
N ALA C 239 -19.56 -23.61 -6.03
CA ALA C 239 -20.91 -23.08 -6.17
C ALA C 239 -21.85 -23.60 -5.08
N GLN C 240 -21.47 -24.65 -4.38
CA GLN C 240 -22.32 -25.26 -3.36
C GLN C 240 -21.98 -24.81 -1.95
N VAL C 241 -21.08 -23.85 -1.79
CA VAL C 241 -20.63 -23.44 -0.46
C VAL C 241 -21.26 -22.08 -0.12
N PRO C 242 -21.67 -21.84 1.12
CA PRO C 242 -22.37 -20.58 1.43
C PRO C 242 -21.41 -19.40 1.59
N LEU C 243 -21.94 -18.20 1.31
CA LEU C 243 -21.11 -17.00 1.28
C LEU C 243 -20.38 -16.81 2.60
N GLU C 244 -21.08 -16.94 3.72
CA GLU C 244 -20.41 -16.71 5.00
C GLU C 244 -19.18 -17.58 5.14
N LYS C 245 -19.28 -18.84 4.74
CA LYS C 245 -18.12 -19.73 4.84
C LYS C 245 -17.00 -19.26 3.91
N LYS C 246 -17.35 -18.85 2.69
CA LYS C 246 -16.34 -18.32 1.79
C LYS C 246 -15.65 -17.11 2.39
N ILE C 247 -16.43 -16.10 2.79
CA ILE C 247 -15.85 -14.89 3.33
C ILE C 247 -14.98 -15.20 4.54
N ASN C 248 -15.41 -16.16 5.35
CA ASN C 248 -14.59 -16.62 6.47
C ASN C 248 -13.32 -17.31 5.98
N MET C 249 -13.36 -17.86 4.77
CA MET C 249 -12.29 -18.72 4.28
C MET C 249 -11.26 -17.98 3.43
N SER C 250 -11.58 -16.79 2.92
CA SER C 250 -10.64 -16.01 2.12
C SER C 250 -9.90 -14.99 3.00
N TYR C 251 -8.98 -14.26 2.39
CA TYR C 251 -8.07 -13.40 3.13
C TYR C 251 -8.80 -12.29 3.87
N SER C 252 -8.22 -11.86 4.99
CA SER C 252 -8.72 -10.72 5.73
C SER C 252 -7.89 -9.48 5.44
N ALA C 253 -8.53 -8.31 5.52
CA ALA C 253 -7.84 -7.08 5.18
C ALA C 253 -6.61 -6.88 6.06
N GLU C 254 -6.75 -7.06 7.38
CA GLU C 254 -5.65 -6.81 8.29
C GLU C 254 -4.42 -7.66 8.02
N GLU C 255 -4.55 -8.72 7.22
CA GLU C 255 -3.40 -9.52 6.82
C GLU C 255 -3.00 -9.31 5.38
N LEU C 256 -3.93 -8.89 4.53
CA LEU C 256 -3.60 -8.59 3.15
C LEU C 256 -2.76 -7.32 3.03
N LEU C 257 -3.07 -6.32 3.86
CA LEU C 257 -2.41 -5.02 3.80
C LEU C 257 -1.39 -4.92 4.93
N VAL C 258 -0.14 -4.59 4.59
CA VAL C 258 0.88 -4.41 5.60
C VAL C 258 0.85 -3.00 6.14
N THR C 259 0.86 -2.01 5.25
CA THR C 259 0.71 -0.61 5.64
C THR C 259 0.04 0.14 4.50
N CYS C 260 -0.42 1.36 4.78
CA CYS C 260 -0.84 2.23 3.69
C CYS C 260 -0.93 3.67 4.15
N PHE C 261 -0.83 4.58 3.20
CA PHE C 261 -0.82 6.01 3.47
C PHE C 261 -1.53 6.74 2.34
N PHE C 262 -1.90 7.99 2.62
CA PHE C 262 -2.59 8.84 1.64
C PHE C 262 -2.28 10.28 2.02
N ASP C 263 -1.51 10.98 1.17
CA ASP C 263 -1.02 12.31 1.49
C ASP C 263 -0.43 12.35 2.91
N GLY C 264 0.35 11.32 3.22
CA GLY C 264 0.95 11.18 4.53
C GLY C 264 0.00 10.74 5.64
N VAL C 265 -1.31 10.90 5.45
CA VAL C 265 -2.26 10.38 6.43
C VAL C 265 -2.27 8.87 6.35
N SER C 266 -2.34 8.21 7.51
CA SER C 266 -2.32 6.76 7.54
C SER C 266 -3.71 6.19 7.25
N CYS C 267 -3.74 4.92 6.89
CA CYS C 267 -4.99 4.18 6.75
C CYS C 267 -4.83 2.78 7.34
N ASP C 268 -5.91 2.31 7.96
CA ASP C 268 -5.99 0.96 8.51
C ASP C 268 -6.85 0.09 7.59
N ALA C 269 -6.87 -1.20 7.89
CA ALA C 269 -7.85 -2.08 7.28
C ALA C 269 -9.25 -1.51 7.45
N ARG C 270 -9.48 -0.75 8.52
CA ARG C 270 -10.76 -0.11 8.73
C ARG C 270 -11.24 0.64 7.49
N ASN C 271 -10.32 1.29 6.79
CA ASN C 271 -10.69 2.19 5.71
C ASN C 271 -11.13 1.45 4.45
N PHE C 272 -11.19 0.12 4.46
CA PHE C 272 -11.51 -0.66 3.27
C PHE C 272 -12.86 -1.36 3.41
N THR C 273 -13.70 -1.21 2.39
CA THR C 273 -14.94 -1.95 2.29
C THR C 273 -14.65 -3.38 1.84
N LEU C 274 -15.29 -4.36 2.49
CA LEU C 274 -15.21 -5.72 1.99
C LEU C 274 -16.12 -5.88 0.79
N PHE C 275 -15.67 -6.66 -0.19
CA PHE C 275 -16.45 -6.93 -1.40
C PHE C 275 -16.10 -8.33 -1.89
N HIS C 276 -16.98 -9.29 -1.66
CA HIS C 276 -16.66 -10.66 -2.02
C HIS C 276 -16.98 -10.91 -3.48
N HIS C 277 -16.04 -11.51 -4.19
CA HIS C 277 -16.20 -11.83 -5.61
C HIS C 277 -16.18 -13.33 -5.79
N PRO C 278 -17.11 -13.90 -6.55
CA PRO C 278 -17.22 -15.37 -6.58
C PRO C 278 -15.99 -16.06 -7.10
N MET C 279 -15.17 -15.38 -7.90
CA MET C 279 -13.98 -16.00 -8.47
C MET C 279 -12.68 -15.54 -7.82
N HIS C 280 -12.68 -14.43 -7.07
CA HIS C 280 -11.45 -13.94 -6.46
C HIS C 280 -11.52 -13.77 -4.95
N GLY C 281 -12.62 -14.16 -4.32
CA GLY C 281 -12.65 -14.17 -2.87
C GLY C 281 -12.86 -12.79 -2.29
N ASN C 282 -12.16 -12.51 -1.19
CA ASN C 282 -12.32 -11.24 -0.47
C ASN C 282 -11.51 -10.15 -1.15
N CYS C 283 -12.16 -9.43 -2.06
CA CYS C 283 -11.59 -8.16 -2.51
C CYS C 283 -11.89 -7.08 -1.48
N TYR C 284 -11.01 -6.09 -1.42
CA TYR C 284 -11.18 -4.97 -0.51
C TYR C 284 -11.10 -3.68 -1.31
N THR C 285 -11.93 -2.71 -0.94
CA THR C 285 -12.07 -1.48 -1.72
C THR C 285 -11.78 -0.28 -0.82
N PHE C 286 -10.90 0.59 -1.29
CA PHE C 286 -10.52 1.80 -0.59
C PHE C 286 -11.38 2.98 -1.05
N ASN C 287 -11.59 3.92 -0.15
CA ASN C 287 -12.21 5.20 -0.49
C ASN C 287 -13.59 5.03 -1.15
N ASN C 288 -14.45 4.21 -0.53
CA ASN C 288 -15.86 4.21 -0.91
C ASN C 288 -16.78 3.80 0.24
N ARG C 289 -16.34 3.95 1.49
CA ARG C 289 -17.20 3.65 2.62
C ARG C 289 -18.41 4.60 2.64
N GLU C 290 -19.57 4.04 2.91
CA GLU C 290 -20.80 4.83 2.84
C GLU C 290 -20.86 5.87 3.96
N ASN C 291 -21.53 6.99 3.67
CA ASN C 291 -21.72 8.09 4.61
C ASN C 291 -20.39 8.56 5.20
N GLU C 292 -19.34 8.57 4.37
CA GLU C 292 -18.07 9.19 4.71
C GLU C 292 -17.58 10.02 3.54
N THR C 293 -16.87 11.10 3.85
CA THR C 293 -16.43 12.04 2.82
C THR C 293 -15.43 11.39 1.88
N ILE C 294 -15.67 11.56 0.57
CA ILE C 294 -14.78 11.01 -0.44
C ILE C 294 -13.45 11.74 -0.41
N LEU C 295 -12.35 11.00 -0.41
CA LEU C 295 -11.03 11.61 -0.34
C LEU C 295 -10.75 12.43 -1.59
N SER C 296 -9.82 13.39 -1.46
CA SER C 296 -9.44 14.24 -2.58
C SER C 296 -7.99 14.67 -2.40
N THR C 297 -7.36 15.05 -3.51
CA THR C 297 -5.95 15.40 -3.56
C THR C 297 -5.77 16.85 -3.97
N SER C 298 -4.91 17.56 -3.25
CA SER C 298 -4.52 18.92 -3.62
C SER C 298 -3.13 18.98 -4.22
N MET C 299 -2.47 17.84 -4.39
CA MET C 299 -1.12 17.78 -4.95
C MET C 299 -1.03 16.57 -5.86
N GLY C 300 -0.37 16.74 -7.00
CA GLY C 300 -0.09 15.61 -7.86
C GLY C 300 1.18 14.89 -7.47
N GLY C 301 1.37 13.69 -7.99
CA GLY C 301 2.59 12.95 -7.78
C GLY C 301 2.48 11.92 -6.65
N SER C 302 3.46 11.01 -6.64
CA SER C 302 3.35 9.80 -5.84
C SER C 302 3.12 10.09 -4.37
N GLU C 303 4.03 10.82 -3.73
CA GLU C 303 3.96 10.95 -2.28
C GLU C 303 2.67 11.58 -1.78
N TYR C 304 1.83 12.11 -2.67
CA TYR C 304 0.56 12.68 -2.27
C TYR C 304 -0.63 11.77 -2.59
N GLY C 305 -0.39 10.65 -3.25
CA GLY C 305 -1.43 9.69 -3.55
C GLY C 305 -1.43 8.52 -2.59
N LEU C 306 -2.21 7.51 -2.93
CA LEU C 306 -2.26 6.29 -2.13
C LEU C 306 -0.99 5.49 -2.33
N GLN C 307 -0.43 4.97 -1.24
CA GLN C 307 0.64 3.99 -1.33
C GLN C 307 0.38 2.90 -0.30
N VAL C 308 0.58 1.65 -0.71
CA VAL C 308 0.20 0.50 0.10
C VAL C 308 1.14 -0.64 -0.20
N ILE C 309 1.38 -1.48 0.80
CA ILE C 309 2.22 -2.66 0.69
C ILE C 309 1.36 -3.89 0.94
N LEU C 310 1.26 -4.75 -0.06
CA LEU C 310 0.46 -5.96 0.05
C LEU C 310 1.31 -7.15 0.48
N TYR C 311 0.67 -8.12 1.11
CA TYR C 311 1.31 -9.38 1.48
C TYR C 311 0.62 -10.52 0.74
N ILE C 312 1.39 -11.30 0.00
CA ILE C 312 0.87 -12.30 -0.92
C ILE C 312 1.67 -13.59 -0.76
N ASN C 313 1.25 -14.47 0.14
CA ASN C 313 2.07 -15.63 0.47
C ASN C 313 1.83 -16.74 -0.55
N GLU C 314 2.79 -16.91 -1.47
CA GLU C 314 2.71 -17.98 -2.45
C GLU C 314 2.51 -19.34 -1.80
N GLU C 315 2.91 -19.48 -0.54
CA GLU C 315 2.78 -20.75 0.16
C GLU C 315 1.34 -21.24 0.24
N GLU C 316 0.35 -20.36 0.03
CA GLU C 316 -1.05 -20.73 0.16
C GLU C 316 -1.80 -20.68 -1.17
N TYR C 317 -1.10 -20.56 -2.30
CA TYR C 317 -1.74 -20.68 -3.59
C TYR C 317 -2.09 -22.13 -3.87
N ASN C 318 -3.30 -22.40 -4.35
CA ASN C 318 -3.63 -23.78 -4.66
C ASN C 318 -3.11 -24.11 -6.05
N PRO C 319 -2.13 -25.01 -6.15
CA PRO C 319 -1.35 -25.11 -7.40
C PRO C 319 -2.16 -25.24 -8.66
N PHE C 320 -3.34 -25.84 -8.63
CA PHE C 320 -3.97 -26.24 -9.87
C PHE C 320 -4.72 -25.12 -10.57
N LEU C 321 -4.73 -23.90 -10.03
CA LEU C 321 -5.22 -22.73 -10.75
C LEU C 321 -4.05 -21.95 -11.34
N VAL C 322 -3.99 -21.87 -12.65
CA VAL C 322 -2.89 -21.19 -13.34
C VAL C 322 -2.93 -19.71 -13.01
N SER C 323 -1.83 -19.17 -12.49
CA SER C 323 -1.74 -17.74 -12.21
C SER C 323 -0.31 -17.39 -11.82
N SER C 324 -0.02 -16.10 -11.85
CA SER C 324 1.23 -15.59 -11.31
C SER C 324 1.01 -15.08 -9.88
N THR C 325 2.07 -15.13 -9.09
CA THR C 325 2.00 -14.68 -7.71
C THR C 325 1.81 -13.16 -7.70
N GLY C 326 0.60 -12.71 -7.40
CA GLY C 326 0.35 -11.28 -7.44
C GLY C 326 -1.04 -10.92 -6.99
N ALA C 327 -1.40 -9.66 -7.24
CA ALA C 327 -2.69 -9.10 -6.84
C ALA C 327 -3.26 -8.26 -7.96
N LYS C 328 -4.59 -8.27 -8.10
CA LYS C 328 -5.25 -7.38 -9.03
C LYS C 328 -5.62 -6.08 -8.34
N VAL C 329 -5.69 -5.00 -9.10
CA VAL C 329 -6.33 -3.77 -8.64
C VAL C 329 -7.17 -3.21 -9.77
N ILE C 330 -8.27 -2.57 -9.39
CA ILE C 330 -9.17 -1.93 -10.34
C ILE C 330 -9.41 -0.52 -9.85
N ILE C 331 -9.50 0.41 -10.79
CA ILE C 331 -9.85 1.80 -10.50
C ILE C 331 -11.24 2.05 -11.07
N HIS C 332 -12.12 2.65 -10.27
CA HIS C 332 -13.50 2.81 -10.69
C HIS C 332 -14.18 3.86 -9.82
N ARG C 333 -15.30 4.38 -10.33
CA ARG C 333 -16.05 5.39 -9.60
C ARG C 333 -16.78 4.75 -8.41
N GLN C 334 -16.98 5.54 -7.35
CA GLN C 334 -17.42 5.00 -6.07
C GLN C 334 -18.64 4.10 -6.20
N ASP C 335 -19.62 4.50 -7.00
CA ASP C 335 -20.85 3.71 -7.12
C ASP C 335 -20.81 2.71 -8.26
N GLU C 336 -19.62 2.42 -8.78
CA GLU C 336 -19.44 1.57 -9.95
C GLU C 336 -19.07 0.15 -9.53
N TYR C 337 -19.29 -0.81 -10.45
CA TYR C 337 -19.01 -2.21 -10.12
C TYR C 337 -17.67 -2.65 -10.69
N PRO C 338 -16.84 -3.37 -9.93
CA PRO C 338 -15.47 -3.63 -10.40
C PRO C 338 -15.33 -4.51 -11.63
N PHE C 339 -16.11 -5.58 -11.76
CA PHE C 339 -15.86 -6.60 -12.80
C PHE C 339 -14.43 -7.13 -12.71
N VAL C 340 -14.08 -7.63 -11.52
CA VAL C 340 -12.72 -8.07 -11.25
C VAL C 340 -12.21 -9.03 -12.32
N GLU C 341 -13.11 -9.81 -12.91
CA GLU C 341 -12.69 -10.86 -13.84
C GLU C 341 -12.12 -10.32 -15.14
N ASP C 342 -12.39 -9.06 -15.49
CA ASP C 342 -12.06 -8.55 -16.82
C ASP C 342 -11.07 -7.40 -16.81
N VAL C 343 -11.42 -6.26 -16.21
CA VAL C 343 -10.76 -4.99 -16.54
C VAL C 343 -9.60 -4.65 -15.62
N GLY C 344 -9.20 -5.55 -14.72
CA GLY C 344 -8.21 -5.18 -13.71
C GLY C 344 -6.79 -5.16 -14.24
N THR C 345 -5.91 -4.57 -13.43
CA THR C 345 -4.47 -4.53 -13.66
C THR C 345 -3.77 -5.36 -12.60
N GLU C 346 -2.94 -6.32 -13.02
CA GLU C 346 -2.29 -7.19 -12.05
C GLU C 346 -0.94 -6.61 -11.61
N ILE C 347 -0.56 -6.96 -10.39
CA ILE C 347 0.67 -6.49 -9.76
C ILE C 347 1.53 -7.72 -9.46
N GLU C 348 2.77 -7.70 -9.94
CA GLU C 348 3.70 -8.78 -9.63
C GLU C 348 4.30 -8.57 -8.26
N THR C 349 4.69 -9.67 -7.62
CA THR C 349 5.34 -9.57 -6.32
C THR C 349 6.77 -9.04 -6.47
N ALA C 350 7.33 -8.57 -5.36
CA ALA C 350 8.71 -8.07 -5.31
C ALA C 350 8.93 -6.89 -6.25
N MET C 351 7.93 -6.03 -6.44
CA MET C 351 8.08 -4.86 -7.29
C MET C 351 7.25 -3.70 -6.77
N VAL C 352 7.71 -2.50 -7.08
CA VAL C 352 6.82 -1.33 -7.03
C VAL C 352 5.98 -1.34 -8.27
N THR C 353 4.71 -1.00 -8.14
CA THR C 353 3.88 -0.66 -9.30
C THR C 353 3.38 0.75 -9.12
N SER C 354 3.85 1.66 -9.95
CA SER C 354 3.49 3.06 -9.87
C SER C 354 2.38 3.31 -10.88
N ILE C 355 1.14 3.19 -10.43
CA ILE C 355 0.02 3.45 -11.33
C ILE C 355 -0.29 4.94 -11.29
N GLY C 356 0.38 5.72 -12.12
CA GLY C 356 -0.06 7.08 -12.36
C GLY C 356 -1.35 7.09 -13.16
N MET C 357 -2.11 8.18 -13.06
CA MET C 357 -3.40 8.21 -13.74
C MET C 357 -3.81 9.65 -14.06
N HIS C 358 -4.57 9.78 -15.14
CA HIS C 358 -5.29 11.01 -15.47
C HIS C 358 -6.77 10.74 -15.37
N LEU C 359 -7.51 11.67 -14.77
CA LEU C 359 -8.96 11.58 -14.83
C LEU C 359 -9.44 12.03 -16.20
N THR C 360 -10.42 11.31 -16.75
CA THR C 360 -11.07 11.71 -17.99
C THR C 360 -12.57 11.58 -17.83
N GLU C 361 -13.30 12.63 -18.19
CA GLU C 361 -14.76 12.67 -18.09
C GLU C 361 -15.36 12.75 -19.48
N SER C 362 -16.30 11.86 -19.78
CA SER C 362 -16.85 11.73 -21.12
C SER C 362 -18.33 12.07 -21.13
N PHE C 363 -18.79 12.60 -22.26
CA PHE C 363 -20.19 12.96 -22.46
C PHE C 363 -20.58 12.68 -23.91
N LYS C 364 -21.85 12.37 -24.13
CA LYS C 364 -22.38 12.17 -25.47
C LYS C 364 -23.82 12.66 -25.56
N LEU C 365 -24.17 13.26 -26.70
CA LEU C 365 -25.50 13.84 -26.86
C LEU C 365 -26.54 12.79 -27.23
N SER C 366 -27.77 13.01 -26.76
CA SER C 366 -28.89 12.10 -27.05
C SER C 366 -29.59 12.52 -28.34
N GLU C 367 -29.64 11.61 -29.30
CA GLU C 367 -30.40 11.77 -30.53
C GLU C 367 -30.97 10.41 -30.92
N PRO C 368 -31.98 10.38 -31.78
CA PRO C 368 -32.48 9.08 -32.28
C PRO C 368 -31.38 8.21 -32.88
N TYR C 369 -30.36 8.83 -33.49
CA TYR C 369 -29.22 8.12 -34.05
C TYR C 369 -28.02 8.14 -33.12
N SER C 370 -28.20 8.53 -31.86
CA SER C 370 -27.14 8.60 -30.86
C SER C 370 -27.79 8.42 -29.48
N GLN C 371 -28.25 7.20 -29.19
CA GLN C 371 -29.05 6.95 -28.01
C GLN C 371 -28.19 6.60 -26.80
N CYS C 372 -28.71 6.95 -25.62
CA CYS C 372 -28.04 6.69 -24.35
C CYS C 372 -29.07 6.91 -23.25
N THR C 373 -28.69 6.59 -22.01
CA THR C 373 -29.52 6.89 -20.86
C THR C 373 -28.67 7.50 -19.76
N GLU C 374 -29.30 8.31 -18.91
CA GLU C 374 -28.59 8.95 -17.82
C GLU C 374 -28.48 8.04 -16.59
N ASP C 375 -29.44 7.13 -16.40
CA ASP C 375 -29.41 6.30 -15.21
C ASP C 375 -30.07 4.93 -15.43
N GLY C 376 -30.30 4.51 -16.66
CA GLY C 376 -30.86 3.20 -16.93
C GLY C 376 -32.37 3.08 -16.78
N SER C 377 -33.07 4.14 -16.36
CA SER C 377 -34.51 4.05 -16.16
C SER C 377 -35.24 3.61 -17.43
N ASP C 378 -34.62 3.73 -18.59
CA ASP C 378 -35.30 3.46 -19.84
C ASP C 378 -35.46 1.97 -20.14
N VAL C 379 -34.67 1.10 -19.51
CA VAL C 379 -34.65 -0.31 -19.91
C VAL C 379 -35.40 -1.20 -18.93
N PRO C 380 -36.11 -2.23 -19.41
CA PRO C 380 -36.84 -3.12 -18.47
C PRO C 380 -35.94 -3.96 -17.58
N ILE C 381 -34.65 -4.05 -17.88
CA ILE C 381 -33.76 -5.01 -17.21
C ILE C 381 -33.57 -4.60 -15.75
N ARG C 382 -33.87 -5.51 -14.83
CA ARG C 382 -33.59 -5.24 -13.43
C ARG C 382 -32.09 -5.42 -13.15
N ASN C 383 -31.59 -4.60 -12.25
CA ASN C 383 -30.15 -4.51 -11.97
C ASN C 383 -29.85 -5.32 -10.71
N ILE C 384 -29.15 -6.45 -10.86
CA ILE C 384 -28.91 -7.31 -9.71
C ILE C 384 -27.62 -6.98 -8.97
N TYR C 385 -26.85 -6.00 -9.43
CA TYR C 385 -25.50 -5.81 -8.91
C TYR C 385 -25.42 -4.86 -7.74
N ASN C 386 -26.49 -4.14 -7.39
CA ASN C 386 -26.44 -3.14 -6.34
C ASN C 386 -25.32 -2.13 -6.62
N ALA C 387 -25.30 -1.64 -7.85
CA ALA C 387 -24.34 -0.63 -8.29
C ALA C 387 -24.97 0.20 -9.39
N ALA C 388 -24.40 1.36 -9.65
CA ALA C 388 -24.96 2.28 -10.63
C ALA C 388 -25.01 1.63 -12.01
N TYR C 389 -25.87 2.16 -12.87
CA TYR C 389 -26.09 1.58 -14.18
C TYR C 389 -24.85 1.70 -15.06
N SER C 390 -24.70 0.76 -15.99
CA SER C 390 -23.62 0.78 -16.97
C SER C 390 -23.89 -0.29 -18.01
N LEU C 391 -23.35 -0.07 -19.21
CA LEU C 391 -23.62 -1.00 -20.31
C LEU C 391 -23.30 -2.42 -19.90
N GLN C 392 -22.11 -2.65 -19.34
CA GLN C 392 -21.74 -4.01 -18.94
C GLN C 392 -22.70 -4.55 -17.90
N ILE C 393 -23.09 -3.75 -16.92
CA ILE C 393 -23.98 -4.23 -15.89
C ILE C 393 -25.31 -4.65 -16.49
N CYS C 394 -25.89 -3.78 -17.31
CA CYS C 394 -27.19 -4.08 -17.86
C CYS C 394 -27.13 -5.33 -18.73
N LEU C 395 -26.04 -5.52 -19.47
CA LEU C 395 -25.90 -6.76 -20.23
C LEU C 395 -25.87 -7.97 -19.31
N HIS C 396 -24.84 -8.07 -18.48
CA HIS C 396 -24.71 -9.27 -17.66
C HIS C 396 -25.95 -9.50 -16.82
N SER C 397 -26.45 -8.47 -16.15
CA SER C 397 -27.65 -8.66 -15.34
C SER C 397 -28.78 -9.22 -16.19
N CYS C 398 -28.90 -8.78 -17.43
CA CYS C 398 -29.88 -9.38 -18.31
C CYS C 398 -29.53 -10.82 -18.62
N PHE C 399 -28.25 -11.10 -18.80
CA PHE C 399 -27.83 -12.47 -19.12
C PHE C 399 -28.19 -13.42 -17.99
N GLN C 400 -27.76 -13.11 -16.77
CA GLN C 400 -28.14 -13.95 -15.63
C GLN C 400 -29.64 -14.21 -15.63
N THR C 401 -30.44 -13.17 -15.82
CA THR C 401 -31.88 -13.35 -15.82
C THR C 401 -32.30 -14.32 -16.90
N LYS C 402 -31.85 -14.08 -18.13
CA LYS C 402 -32.22 -14.97 -19.21
C LYS C 402 -31.81 -16.40 -18.92
N MET C 403 -30.69 -16.59 -18.22
CA MET C 403 -30.27 -17.94 -17.90
C MET C 403 -31.22 -18.58 -16.89
N VAL C 404 -31.49 -17.91 -15.78
CA VAL C 404 -32.41 -18.45 -14.79
C VAL C 404 -33.74 -18.79 -15.45
N GLU C 405 -34.16 -18.00 -16.44
CA GLU C 405 -35.42 -18.27 -17.11
C GLU C 405 -35.39 -19.59 -17.86
N LYS C 406 -34.24 -20.03 -18.35
CA LYS C 406 -34.18 -21.19 -19.24
C LYS C 406 -33.23 -22.29 -18.81
N CYS C 407 -32.47 -22.13 -17.73
CA CYS C 407 -31.68 -23.22 -17.17
C CYS C 407 -31.96 -23.44 -15.69
N GLY C 408 -33.01 -22.84 -15.15
CA GLY C 408 -33.40 -23.10 -13.78
C GLY C 408 -32.37 -22.72 -12.74
N CYS C 409 -31.31 -22.01 -13.11
CA CYS C 409 -30.30 -21.62 -12.15
C CYS C 409 -29.45 -20.51 -12.76
N ALA C 410 -28.57 -19.94 -11.93
CA ALA C 410 -27.75 -18.80 -12.33
C ALA C 410 -26.27 -19.19 -12.38
N GLN C 411 -25.55 -18.59 -13.32
CA GLN C 411 -24.13 -18.88 -13.46
C GLN C 411 -23.38 -18.42 -12.22
N TYR C 412 -22.41 -19.21 -11.79
CA TYR C 412 -21.69 -18.88 -10.57
C TYR C 412 -20.70 -17.76 -10.77
N SER C 413 -20.33 -17.45 -12.01
CA SER C 413 -19.33 -16.43 -12.28
C SER C 413 -19.84 -15.00 -12.05
N GLN C 414 -21.07 -14.82 -11.58
CA GLN C 414 -21.68 -13.51 -11.46
C GLN C 414 -22.53 -13.45 -10.20
N PRO C 415 -22.98 -12.29 -9.75
CA PRO C 415 -23.88 -12.25 -8.59
C PRO C 415 -25.22 -12.88 -8.93
N LEU C 416 -25.96 -13.21 -7.88
CA LEU C 416 -27.06 -14.16 -7.95
C LEU C 416 -28.40 -13.43 -7.96
N PRO C 417 -29.22 -13.57 -9.00
CA PRO C 417 -30.54 -12.94 -8.97
C PRO C 417 -31.37 -13.48 -7.83
N PRO C 418 -32.42 -12.77 -7.44
CA PRO C 418 -33.27 -13.26 -6.35
C PRO C 418 -34.14 -14.42 -6.81
N ALA C 419 -34.43 -15.32 -5.86
CA ALA C 419 -35.26 -16.49 -6.10
C ALA C 419 -34.63 -17.43 -7.13
N ALA C 420 -33.34 -17.70 -6.98
CA ALA C 420 -32.65 -18.63 -7.86
C ALA C 420 -31.48 -19.28 -7.12
N ASN C 421 -31.10 -20.46 -7.59
CA ASN C 421 -29.92 -21.16 -7.08
C ASN C 421 -28.73 -20.92 -7.99
N TYR C 422 -27.53 -21.04 -7.42
CA TYR C 422 -26.32 -21.11 -8.23
C TYR C 422 -26.24 -22.48 -8.88
N CYS C 423 -25.93 -22.51 -10.18
CA CYS C 423 -25.91 -23.76 -10.91
C CYS C 423 -24.83 -24.70 -10.39
N ASN C 424 -25.11 -26.00 -10.45
CA ASN C 424 -24.11 -27.03 -10.19
C ASN C 424 -24.61 -28.35 -10.76
N TYR C 425 -23.68 -29.11 -11.34
CA TYR C 425 -24.06 -30.36 -12.02
C TYR C 425 -24.85 -31.26 -11.10
N GLN C 426 -24.36 -31.43 -9.87
CA GLN C 426 -24.94 -32.35 -8.91
C GLN C 426 -26.43 -32.11 -8.73
N GLN C 427 -26.89 -30.88 -8.98
CA GLN C 427 -28.30 -30.55 -8.85
C GLN C 427 -28.96 -30.26 -10.20
N HIS C 428 -28.19 -30.02 -11.25
CA HIS C 428 -28.73 -29.65 -12.56
C HIS C 428 -27.88 -30.27 -13.65
N PRO C 429 -28.01 -31.58 -13.88
CA PRO C 429 -27.11 -32.25 -14.82
C PRO C 429 -26.94 -31.54 -16.14
N ASN C 430 -28.02 -31.12 -16.77
CA ASN C 430 -27.89 -30.52 -18.09
C ASN C 430 -27.44 -29.06 -18.04
N TRP C 431 -26.95 -28.61 -16.90
CA TRP C 431 -26.57 -27.22 -16.75
C TRP C 431 -25.58 -26.65 -17.75
N MET C 432 -24.40 -27.21 -17.85
CA MET C 432 -23.38 -26.55 -18.66
C MET C 432 -23.77 -26.46 -20.12
N TYR C 433 -24.39 -27.50 -20.68
CA TYR C 433 -24.82 -27.37 -22.07
C TYR C 433 -25.83 -26.25 -22.21
N CYS C 434 -26.81 -26.19 -21.30
CA CYS C 434 -27.75 -25.09 -21.32
C CYS C 434 -27.02 -23.76 -21.33
N TYR C 435 -26.03 -23.60 -20.45
CA TYR C 435 -25.22 -22.38 -20.46
C TYR C 435 -24.60 -22.17 -21.82
N TYR C 436 -23.95 -23.21 -22.36
CA TYR C 436 -23.26 -23.04 -23.64
C TYR C 436 -24.22 -22.53 -24.71
N GLN C 437 -25.41 -23.11 -24.79
CA GLN C 437 -26.39 -22.61 -25.75
C GLN C 437 -26.56 -21.11 -25.62
N LEU C 438 -26.92 -20.65 -24.42
CA LEU C 438 -27.18 -19.24 -24.23
C LEU C 438 -25.96 -18.41 -24.62
N HIS C 439 -24.81 -18.73 -24.06
CA HIS C 439 -23.65 -17.90 -24.33
C HIS C 439 -23.41 -17.75 -25.82
N ARG C 440 -23.54 -18.85 -26.56
CA ARG C 440 -23.42 -18.72 -28.01
C ARG C 440 -24.52 -17.84 -28.57
N ALA C 441 -25.76 -18.07 -28.14
CA ALA C 441 -26.86 -17.23 -28.61
C ALA C 441 -26.61 -15.77 -28.28
N PHE C 442 -26.06 -15.50 -27.11
CA PHE C 442 -25.72 -14.14 -26.72
C PHE C 442 -24.69 -13.55 -27.67
N VAL C 443 -23.64 -14.31 -27.98
CA VAL C 443 -22.62 -13.84 -28.91
C VAL C 443 -23.22 -13.67 -30.30
N GLN C 444 -24.19 -14.51 -30.66
CA GLN C 444 -24.90 -14.34 -31.93
C GLN C 444 -25.96 -13.25 -31.88
N GLU C 445 -26.00 -12.47 -30.80
CA GLU C 445 -26.97 -11.38 -30.63
C GLU C 445 -28.40 -11.86 -30.72
N GLU C 446 -28.65 -13.15 -30.45
CA GLU C 446 -29.99 -13.69 -30.54
C GLU C 446 -30.84 -13.37 -29.32
N LEU C 447 -30.22 -13.24 -28.15
CA LEU C 447 -30.98 -12.90 -26.94
C LEU C 447 -31.31 -11.41 -26.92
N GLY C 448 -32.46 -11.09 -26.32
CA GLY C 448 -32.91 -9.71 -26.29
C GLY C 448 -31.90 -8.76 -25.66
N CYS C 449 -31.11 -9.25 -24.72
CA CYS C 449 -30.20 -8.38 -23.96
C CYS C 449 -29.42 -7.47 -24.88
N GLN C 450 -28.82 -8.03 -25.93
CA GLN C 450 -27.94 -7.27 -26.80
C GLN C 450 -28.65 -6.13 -27.51
N SER C 451 -29.98 -6.16 -27.57
CA SER C 451 -30.73 -5.17 -28.35
C SER C 451 -31.29 -4.03 -27.51
N VAL C 452 -31.94 -4.34 -26.38
CA VAL C 452 -32.61 -3.29 -25.62
C VAL C 452 -31.67 -2.53 -24.68
N CYS C 453 -30.50 -3.07 -24.39
CA CYS C 453 -29.58 -2.40 -23.48
C CYS C 453 -28.90 -1.22 -24.17
N LYS C 454 -28.45 -0.24 -23.38
CA LYS C 454 -27.92 1.01 -23.93
C LYS C 454 -26.77 1.55 -23.08
N GLU C 455 -25.98 2.42 -23.70
CA GLU C 455 -24.85 3.06 -23.02
C GLU C 455 -25.33 4.12 -22.03
N ALA C 456 -24.39 4.55 -21.18
CA ALA C 456 -24.62 5.70 -20.32
C ALA C 456 -24.31 6.98 -21.08
N CYS C 457 -25.06 8.04 -20.80
CA CYS C 457 -24.84 9.30 -21.49
C CYS C 457 -23.57 10.01 -21.01
N SER C 458 -23.06 9.67 -19.83
CA SER C 458 -21.81 10.25 -19.35
C SER C 458 -21.15 9.27 -18.37
N PHE C 459 -19.83 9.35 -18.29
CA PHE C 459 -19.07 8.43 -17.45
C PHE C 459 -17.68 9.00 -17.23
N LYS C 460 -16.97 8.43 -16.25
CA LYS C 460 -15.60 8.77 -15.96
C LYS C 460 -14.71 7.55 -16.20
N GLU C 461 -13.47 7.79 -16.59
CA GLU C 461 -12.48 6.74 -16.68
C GLU C 461 -11.12 7.28 -16.27
N TRP C 462 -10.41 6.53 -15.45
CA TRP C 462 -9.06 6.89 -15.05
C TRP C 462 -8.08 6.21 -16.02
N THR C 463 -7.52 7.00 -16.93
CA THR C 463 -6.54 6.50 -17.88
C THR C 463 -5.24 6.23 -17.15
N LEU C 464 -4.84 4.96 -17.06
CA LEU C 464 -3.68 4.58 -16.28
C LEU C 464 -2.41 4.69 -17.11
N THR C 465 -1.29 4.90 -16.42
CA THR C 465 0.03 4.93 -17.05
C THR C 465 1.01 4.24 -16.07
N THR C 466 0.98 2.91 -16.09
CA THR C 466 1.70 2.11 -15.10
C THR C 466 3.19 2.01 -15.43
N SER C 467 3.99 1.76 -14.39
CA SER C 467 5.41 1.48 -14.56
C SER C 467 5.92 0.76 -13.33
N LEU C 468 6.96 -0.06 -13.53
CA LEU C 468 7.43 -0.99 -12.52
C LEU C 468 8.85 -0.66 -12.07
N ALA C 469 9.21 -1.11 -10.87
CA ALA C 469 10.55 -0.96 -10.35
C ALA C 469 10.79 -2.05 -9.31
N GLN C 470 12.04 -2.47 -9.19
CA GLN C 470 12.37 -3.55 -8.26
C GLN C 470 12.38 -3.02 -6.84
N TRP C 471 11.76 -3.76 -5.92
CA TRP C 471 11.67 -3.30 -4.53
C TRP C 471 11.51 -4.48 -3.59
N PRO C 472 12.19 -4.46 -2.46
CA PRO C 472 13.22 -3.50 -2.05
C PRO C 472 14.48 -3.71 -2.86
N SER C 473 15.30 -2.67 -2.96
CA SER C 473 16.57 -2.79 -3.64
C SER C 473 17.46 -3.80 -2.91
N VAL C 474 18.39 -4.40 -3.66
CA VAL C 474 19.14 -5.52 -3.11
C VAL C 474 19.87 -5.14 -1.83
N VAL C 475 20.31 -3.89 -1.69
CA VAL C 475 20.96 -3.49 -0.45
C VAL C 475 19.93 -3.28 0.65
N SER C 476 18.86 -2.55 0.34
CA SER C 476 17.86 -2.26 1.37
C SER C 476 17.23 -3.53 1.92
N GLU C 477 17.12 -4.55 1.10
CA GLU C 477 16.47 -5.80 1.52
C GLU C 477 16.95 -6.26 2.89
N LYS C 478 18.22 -6.04 3.22
CA LYS C 478 18.79 -6.62 4.42
C LYS C 478 18.14 -6.10 5.69
N TRP C 479 17.48 -4.95 5.65
CA TRP C 479 16.90 -4.39 6.87
C TRP C 479 15.42 -4.12 6.71
N LEU C 480 14.99 -3.72 5.51
CA LEU C 480 13.58 -3.35 5.35
C LEU C 480 12.66 -4.52 5.66
N LEU C 481 12.98 -5.71 5.17
CA LEU C 481 12.09 -6.84 5.41
C LEU C 481 11.97 -7.15 6.89
N PRO C 482 13.05 -7.23 7.68
CA PRO C 482 12.88 -7.32 9.13
C PRO C 482 11.90 -6.31 9.68
N VAL C 483 12.07 -5.03 9.37
CA VAL C 483 11.16 -4.03 9.89
C VAL C 483 9.73 -4.33 9.45
N LEU C 484 9.55 -4.69 8.19
CA LEU C 484 8.20 -4.98 7.70
C LEU C 484 7.60 -6.21 8.34
N THR C 485 8.34 -6.96 9.15
CA THR C 485 7.75 -8.02 9.95
C THR C 485 7.78 -7.70 11.43
N TRP C 486 8.32 -6.55 11.81
CA TRP C 486 8.08 -5.98 13.13
C TRP C 486 6.79 -5.17 13.11
N ASP C 487 6.57 -4.43 12.04
CA ASP C 487 5.22 -4.10 11.64
C ASP C 487 4.51 -5.39 11.31
N GLN C 488 3.25 -5.50 11.68
CA GLN C 488 2.52 -6.76 11.61
C GLN C 488 3.11 -7.82 12.54
N GLY C 489 4.07 -7.44 13.39
CA GLY C 489 4.91 -8.37 14.12
C GLY C 489 4.22 -9.23 15.16
N ARG C 490 3.00 -8.91 15.57
CA ARG C 490 2.25 -9.80 16.44
C ARG C 490 1.32 -10.72 15.67
N GLN C 491 1.06 -10.40 14.40
CA GLN C 491 0.27 -11.26 13.54
C GLN C 491 1.13 -12.29 12.81
N VAL C 492 2.37 -11.94 12.48
CA VAL C 492 3.28 -12.81 11.74
C VAL C 492 4.61 -12.87 12.49
N ASN C 493 5.26 -14.04 12.44
CA ASN C 493 6.53 -14.25 13.11
C ASN C 493 7.66 -14.66 12.16
N LYS C 494 7.36 -15.01 10.91
CA LYS C 494 8.40 -15.35 9.95
C LYS C 494 9.16 -14.11 9.49
N LYS C 495 10.41 -14.31 9.10
CA LYS C 495 11.12 -13.31 8.32
C LYS C 495 10.57 -13.33 6.90
N LEU C 496 9.87 -12.28 6.50
CA LEU C 496 9.23 -12.25 5.21
C LEU C 496 10.25 -12.41 4.09
N ASN C 497 9.92 -13.23 3.10
CA ASN C 497 10.75 -13.34 1.91
C ASN C 497 10.40 -12.22 0.93
N LYS C 498 11.39 -11.78 0.17
CA LYS C 498 11.16 -10.67 -0.75
C LYS C 498 9.96 -10.93 -1.63
N THR C 499 9.79 -12.16 -2.09
CA THR C 499 8.68 -12.48 -2.99
C THR C 499 7.34 -12.58 -2.27
N ASP C 500 7.29 -12.33 -0.96
CA ASP C 500 6.01 -12.35 -0.26
C ASP C 500 5.30 -11.01 -0.32
N LEU C 501 5.93 -9.96 -0.83
CA LEU C 501 5.40 -8.60 -0.74
C LEU C 501 5.29 -7.95 -2.10
N ALA C 502 4.41 -6.95 -2.20
CA ALA C 502 4.27 -6.13 -3.38
C ALA C 502 3.90 -4.72 -2.96
N LYS C 503 4.58 -3.72 -3.50
CA LYS C 503 4.34 -2.33 -3.16
C LYS C 503 3.60 -1.65 -4.30
N LEU C 504 2.62 -0.82 -3.95
CA LEU C 504 1.73 -0.22 -4.93
C LEU C 504 1.57 1.27 -4.63
N LEU C 505 1.61 2.07 -5.69
CA LEU C 505 1.31 3.50 -5.60
C LEU C 505 0.19 3.82 -6.58
N ILE C 506 -0.82 4.55 -6.12
CA ILE C 506 -1.84 5.13 -6.99
C ILE C 506 -1.77 6.63 -6.80
N PHE C 507 -1.61 7.38 -7.88
CA PHE C 507 -1.56 8.82 -7.75
C PHE C 507 -1.87 9.50 -9.06
N TYR C 508 -2.52 10.66 -8.97
CA TYR C 508 -2.78 11.47 -10.15
C TYR C 508 -1.47 12.03 -10.69
N LYS C 509 -1.29 11.94 -12.01
CA LYS C 509 -0.17 12.64 -12.63
C LYS C 509 -0.32 14.14 -12.45
N ASP C 510 -1.51 14.67 -12.76
CA ASP C 510 -1.77 16.09 -12.69
C ASP C 510 -3.22 16.31 -12.29
N LEU C 511 -3.50 17.36 -11.53
CA LEU C 511 -4.88 17.61 -11.09
C LEU C 511 -5.64 18.29 -12.20
N ASN C 512 -5.76 17.61 -13.34
CA ASN C 512 -6.43 18.17 -14.51
C ASN C 512 -7.73 17.43 -14.81
N GLN C 513 -8.83 18.17 -14.79
CA GLN C 513 -10.18 17.65 -15.03
C GLN C 513 -10.43 17.43 -16.52
N ARG C 514 -9.62 16.60 -17.18
CA ARG C 514 -9.74 16.46 -18.62
C ARG C 514 -11.11 15.88 -18.99
N SER C 515 -11.65 16.31 -20.13
CA SER C 515 -12.98 15.88 -20.53
C SER C 515 -13.16 15.97 -22.04
N ILE C 516 -14.17 15.27 -22.54
CA ILE C 516 -14.59 15.29 -23.95
C ILE C 516 -16.07 15.64 -23.99
N MET C 517 -16.42 16.67 -24.78
CA MET C 517 -17.76 17.24 -24.80
C MET C 517 -18.24 17.42 -26.23
N GLU C 518 -19.58 17.44 -26.40
CA GLU C 518 -20.21 17.47 -27.71
C GLU C 518 -21.19 18.63 -27.83
N SER C 519 -21.43 19.07 -29.08
CA SER C 519 -22.39 20.09 -29.42
C SER C 519 -23.17 19.71 -30.68
N PRO C 520 -24.46 20.04 -30.76
CA PRO C 520 -25.23 19.72 -31.97
C PRO C 520 -24.91 20.66 -33.13
N ALA C 521 -25.28 20.23 -34.32
CA ALA C 521 -24.99 21.00 -35.54
C ALA C 521 -26.08 20.83 -36.58
N UNK D 1 -14.12 9.83 40.47
CA UNK D 1 -15.54 9.66 40.04
C UNK D 1 -16.38 9.14 41.19
N UNK D 2 -17.69 9.31 41.06
CA UNK D 2 -18.62 8.79 42.05
C UNK D 2 -18.61 7.27 42.02
N UNK D 3 -19.09 6.67 43.09
CA UNK D 3 -19.11 5.22 43.22
C UNK D 3 -20.22 4.58 42.41
N UNK D 4 -19.96 3.37 41.93
CA UNK D 4 -21.00 2.53 41.36
C UNK D 4 -21.71 1.82 42.51
N UNK D 5 -22.80 1.13 42.22
CA UNK D 5 -23.50 0.33 43.22
C UNK D 5 -24.07 -0.91 42.57
N UNK D 6 -24.44 -1.92 43.35
CA UNK D 6 -24.90 -3.19 42.79
C UNK D 6 -25.84 -3.98 43.71
N UNK D 7 -26.46 -5.02 43.15
CA UNK D 7 -27.39 -5.88 43.88
C UNK D 7 -26.72 -7.06 44.60
N UNK D 8 -25.39 -7.11 44.57
CA UNK D 8 -24.63 -8.27 45.07
C UNK D 8 -24.52 -8.35 46.60
N UNK D 9 -25.37 -7.62 47.32
CA UNK D 9 -25.31 -7.61 48.77
C UNK D 9 -25.77 -8.93 49.38
N UNK D 10 -26.64 -9.65 48.69
CA UNK D 10 -27.14 -10.93 49.21
C UNK D 10 -27.86 -11.76 48.14
N UNK D 11 -27.33 -11.73 46.93
CA UNK D 11 -27.97 -12.41 45.80
C UNK D 11 -27.79 -13.92 45.85
N UNK D 12 -28.23 -14.55 46.93
CA UNK D 12 -28.05 -15.99 47.12
C UNK D 12 -28.90 -16.80 46.15
N UNK D 13 -28.44 -17.99 45.78
CA UNK D 13 -29.15 -18.83 44.83
C UNK D 13 -28.73 -20.30 44.92
N UNK D 14 -29.59 -21.18 44.42
CA UNK D 14 -29.28 -22.60 44.33
C UNK D 14 -28.37 -22.85 43.13
N UNK D 15 -27.77 -24.04 43.08
CA UNK D 15 -26.78 -24.36 42.04
C UNK D 15 -27.37 -24.33 40.63
N UNK D 16 -26.47 -24.18 39.66
CA UNK D 16 -26.77 -24.35 38.24
C UNK D 16 -27.76 -23.34 37.62
N UNK D 17 -28.25 -22.39 38.40
CA UNK D 17 -29.10 -21.33 37.84
C UNK D 17 -28.24 -20.38 36.99
N UNK D 18 -28.90 -19.48 36.28
CA UNK D 18 -28.20 -18.48 35.47
C UNK D 18 -27.71 -17.30 36.32
N UNK D 19 -26.62 -16.67 35.88
CA UNK D 19 -26.06 -15.51 36.59
C UNK D 19 -27.00 -14.31 36.52
N UNK D 20 -27.20 -13.62 37.64
CA UNK D 20 -28.22 -12.58 37.73
C UNK D 20 -27.83 -11.32 38.50
N UNK D 21 -26.55 -10.96 38.50
CA UNK D 21 -26.09 -9.76 39.20
C UNK D 21 -26.21 -8.51 38.34
N UNK D 22 -26.31 -7.35 38.98
CA UNK D 22 -26.44 -6.09 38.23
C UNK D 22 -25.92 -4.89 39.03
N UNK D 23 -25.47 -3.86 38.32
CA UNK D 23 -24.92 -2.66 38.95
C UNK D 23 -24.97 -1.45 38.02
N UNK D 24 -24.83 -0.26 38.60
CA UNK D 24 -24.91 0.99 37.83
C UNK D 24 -24.16 2.13 38.52
N UNK D 25 -23.90 3.21 37.77
CA UNK D 25 -23.10 4.32 38.29
C UNK D 25 -23.31 5.63 37.53
N UNK D 26 -22.79 6.71 38.10
CA UNK D 26 -22.98 8.05 37.55
C UNK D 26 -22.02 8.39 36.41
N UNK D 27 -22.22 7.77 35.25
CA UNK D 27 -21.41 8.07 34.07
C UNK D 27 -22.15 7.69 32.80
N UNK D 28 -14.26 8.10 35.64
CA UNK D 28 -12.90 8.17 35.14
C UNK D 28 -12.70 7.21 33.97
N UNK D 29 -13.79 6.80 33.33
CA UNK D 29 -13.71 5.92 32.18
C UNK D 29 -13.45 6.71 30.90
N UNK D 30 -13.05 6.01 29.83
CA UNK D 30 -12.69 6.66 28.56
C UNK D 30 -13.87 6.83 27.61
N UNK D 31 -13.59 7.41 26.45
CA UNK D 31 -14.62 7.63 25.43
C UNK D 31 -15.13 6.33 24.83
N UNK D 32 -14.28 5.31 24.76
CA UNK D 32 -14.65 4.04 24.14
C UNK D 32 -15.23 3.04 25.15
N UNK D 33 -15.75 3.55 26.26
CA UNK D 33 -16.36 2.71 27.30
C UNK D 33 -15.34 1.88 28.09
N UNK D 34 -14.05 2.18 27.95
CA UNK D 34 -13.02 1.57 28.78
C UNK D 34 -13.26 2.01 30.23
N UNK D 35 -13.70 1.07 31.05
CA UNK D 35 -14.27 1.39 32.35
C UNK D 35 -13.31 2.03 33.38
N UNK D 36 -13.87 2.94 34.15
CA UNK D 36 -13.20 3.52 35.31
C UNK D 36 -13.29 2.56 36.49
N UNK D 37 -14.22 1.63 36.42
CA UNK D 37 -14.40 0.63 37.48
C UNK D 37 -15.11 -0.59 36.91
N UNK D 38 -15.28 -1.63 37.72
CA UNK D 38 -15.97 -2.82 37.25
C UNK D 38 -16.33 -3.76 38.41
N UNK D 39 -16.47 -5.05 38.09
CA UNK D 39 -16.60 -6.10 39.10
C UNK D 39 -16.00 -7.39 38.53
N UNK D 40 -15.37 -8.18 39.39
CA UNK D 40 -14.71 -9.41 38.95
C UNK D 40 -14.82 -10.47 40.05
N UNK D 41 -14.45 -11.71 39.75
CA UNK D 41 -14.64 -12.80 40.69
C UNK D 41 -13.50 -12.93 41.68
N UNK D 42 -13.82 -13.33 42.91
CA UNK D 42 -12.79 -13.52 43.92
C UNK D 42 -13.21 -14.53 44.97
N UNK D 43 -12.82 -15.78 44.80
CA UNK D 43 -13.11 -16.81 45.79
C UNK D 43 -12.46 -16.43 47.11
N UNK D 44 -12.99 -16.95 48.21
CA UNK D 44 -12.50 -16.58 49.53
C UNK D 44 -10.98 -16.67 49.64
N UNK D 45 -10.37 -15.55 50.01
CA UNK D 45 -8.92 -15.48 50.24
C UNK D 45 -8.05 -15.55 49.00
N UNK D 46 -8.62 -15.83 47.84
CA UNK D 46 -7.83 -15.86 46.61
C UNK D 46 -7.61 -14.45 46.09
N UNK D 47 -6.78 -14.32 45.06
CA UNK D 47 -6.54 -13.03 44.44
C UNK D 47 -7.58 -12.76 43.37
N UNK D 48 -8.35 -11.69 43.52
CA UNK D 48 -9.44 -11.39 42.59
C UNK D 48 -9.00 -11.49 41.14
N UNK D 49 -9.86 -12.03 40.27
CA UNK D 49 -9.54 -12.21 38.85
C UNK D 49 -10.70 -11.77 37.94
N UNK D 50 -10.37 -11.26 36.76
CA UNK D 50 -11.36 -10.67 35.87
C UNK D 50 -12.21 -11.71 35.16
N UNK D 51 -13.44 -11.33 34.82
CA UNK D 51 -14.37 -12.20 34.11
C UNK D 51 -15.06 -11.39 33.01
N UNK D 52 -15.82 -10.38 33.42
CA UNK D 52 -16.30 -9.37 32.49
C UNK D 52 -15.17 -8.37 32.28
N UNK D 53 -14.78 -8.13 31.03
CA UNK D 53 -13.57 -7.36 30.72
C UNK D 53 -13.39 -6.13 31.61
N UNK D 54 -14.49 -5.45 31.92
CA UNK D 54 -14.49 -4.33 32.87
C UNK D 54 -15.77 -3.56 32.68
N UNK D 55 -16.10 -3.35 31.41
CA UNK D 55 -17.35 -2.74 31.00
C UNK D 55 -17.64 -3.22 29.57
N UNK D 56 -17.58 -4.53 29.35
CA UNK D 56 -17.53 -5.07 28.00
C UNK D 56 -17.86 -6.56 27.92
N UNK D 57 -17.31 -7.22 26.91
CA UNK D 57 -17.48 -8.66 26.71
C UNK D 57 -16.67 -9.48 27.72
N UNK D 58 -16.79 -10.80 27.64
CA UNK D 58 -16.12 -11.70 28.57
C UNK D 58 -14.65 -11.93 28.25
N UNK D 59 -13.88 -12.31 29.27
CA UNK D 59 -12.46 -12.58 29.11
C UNK D 59 -12.21 -13.86 28.34
N UNK D 60 -20.84 -18.31 31.81
CA UNK D 60 -21.17 -16.98 32.32
C UNK D 60 -21.06 -15.93 31.22
N UNK D 61 -21.84 -14.86 31.35
CA UNK D 61 -21.82 -13.76 30.39
C UNK D 61 -22.54 -12.53 30.96
N UNK D 62 -22.33 -11.38 30.33
CA UNK D 62 -22.89 -10.13 30.83
C UNK D 62 -23.18 -9.14 29.70
N UNK D 63 -23.87 -8.05 30.01
CA UNK D 63 -24.33 -7.13 28.97
C UNK D 63 -24.69 -5.72 29.47
N UNK D 64 -25.29 -4.95 28.57
CA UNK D 64 -25.70 -3.57 28.82
C UNK D 64 -24.52 -2.60 28.83
N UNK D 65 -23.77 -2.61 29.92
CA UNK D 65 -22.55 -1.81 30.05
C UNK D 65 -22.71 -0.33 29.68
N UNK D 66 -23.89 0.23 29.90
CA UNK D 66 -24.11 1.67 29.71
C UNK D 66 -23.84 2.38 31.05
N UNK D 67 -24.76 3.22 31.50
CA UNK D 67 -24.69 3.74 32.86
C UNK D 67 -24.91 2.60 33.86
N UNK D 68 -25.35 1.45 33.35
CA UNK D 68 -25.53 0.26 34.16
C UNK D 68 -25.20 -0.99 33.35
N UNK D 69 -25.06 -2.12 34.04
CA UNK D 69 -24.80 -3.39 33.37
C UNK D 69 -25.14 -4.56 34.29
N UNK D 70 -25.11 -5.78 33.76
CA UNK D 70 -25.43 -6.95 34.56
C UNK D 70 -24.92 -8.24 33.94
N UNK D 71 -24.97 -9.32 34.71
CA UNK D 71 -24.50 -10.61 34.27
C UNK D 71 -25.24 -11.73 35.00
N UNK D 72 -22.38 -11.54 46.26
CA UNK D 72 -21.73 -12.45 47.20
C UNK D 72 -22.05 -13.92 46.88
N UNK D 73 -23.07 -14.16 46.07
CA UNK D 73 -23.45 -15.52 45.66
C UNK D 73 -23.36 -16.51 46.81
#